data_1V3T
#
_entry.id   1V3T
#
_cell.length_a   58.748
_cell.length_b   77.071
_cell.length_c   79.601
_cell.angle_alpha   90.00
_cell.angle_beta   102.73
_cell.angle_gamma   90.00
#
_symmetry.space_group_name_H-M   'P 1 21 1'
#
loop_
_entity.id
_entity.type
_entity.pdbx_description
1 polymer 'leukotriene b4 12-hydroxydehydrogenase/prostaglandin 15-keto reductase'
2 non-polymer 'NADP NICOTINAMIDE-ADENINE-DINUCLEOTIDE PHOSPHATE'
3 water water
#
_entity_poly.entity_id   1
_entity_poly.type   'polypeptide(L)'
_entity_poly.pdbx_seq_one_letter_code
;SPEFMVKAKSWTLKKHFQGKPTQSDFELKTVELPPLKNGEVLLEALFLSVDPYMRIASKRLKEGAVMMGQQVARVVESKN
SAFPAGSIVLAQSGWTTHFISDGKGLEKLLTEWPDKLPLSLALGTIGMPGLTAYFGLLEVCGVKGGETVLVSAAAGAVGS
VVGQIAKLKGCKVVGAAGSDEKIAYLKQIGFDAAFNYKTVNSLEEALKKASPDGYDCYFDNVGGEFLNTVLSQMKDFGKI
AICGAISVYNRMDQLPPGPSPESIIYKQLRIEGFIVYRWQGDVREKALRDLMKWVLEGKIQYHEHVTKGFENMPAAFIEM
LNGANLGKAVVTA
;
_entity_poly.pdbx_strand_id   A,B
#
# COMPACT_ATOMS: atom_id res chain seq x y z
N SER A 1 59.67 11.71 -9.35
CA SER A 1 59.87 13.13 -8.96
C SER A 1 58.96 14.10 -9.71
N PRO A 2 58.86 13.96 -11.05
CA PRO A 2 57.99 14.85 -11.84
C PRO A 2 56.53 14.80 -11.39
N GLU A 3 55.91 15.98 -11.33
CA GLU A 3 54.53 16.11 -10.90
C GLU A 3 53.64 16.48 -12.09
N PHE A 4 52.62 15.67 -12.33
CA PHE A 4 51.69 15.92 -13.44
C PHE A 4 50.29 16.25 -12.94
N MET A 5 49.75 17.36 -13.42
CA MET A 5 48.42 17.83 -13.03
C MET A 5 47.27 16.92 -13.46
N VAL A 6 46.31 16.75 -12.57
CA VAL A 6 45.13 15.93 -12.83
C VAL A 6 43.88 16.81 -12.96
N LYS A 7 43.33 16.83 -14.16
CA LYS A 7 42.12 17.60 -14.47
C LYS A 7 40.90 16.73 -14.20
N ALA A 8 40.05 17.16 -13.27
CA ALA A 8 38.86 16.39 -12.95
C ALA A 8 37.61 17.09 -13.49
N LYS A 9 36.92 16.40 -14.39
CA LYS A 9 35.69 16.95 -14.96
C LYS A 9 34.48 16.45 -14.19
N SER A 10 33.48 17.30 -14.01
CA SER A 10 32.26 16.94 -13.29
C SER A 10 31.00 17.50 -13.94
N TRP A 11 29.89 16.77 -13.78
CA TRP A 11 28.61 17.21 -14.30
C TRP A 11 27.81 17.78 -13.15
N THR A 12 27.50 19.08 -13.25
CA THR A 12 26.74 19.77 -12.22
C THR A 12 25.33 20.08 -12.69
N LEU A 13 24.40 20.11 -11.74
CA LEU A 13 23.00 20.42 -12.05
C LEU A 13 22.88 21.94 -12.16
N LYS A 14 22.76 22.43 -13.38
CA LYS A 14 22.62 23.86 -13.62
C LYS A 14 21.25 24.34 -13.14
N LYS A 15 20.19 23.69 -13.64
CA LYS A 15 18.82 24.04 -13.27
C LYS A 15 18.00 22.81 -12.94
N HIS A 16 17.20 22.90 -11.87
CA HIS A 16 16.33 21.79 -11.47
C HIS A 16 15.46 21.33 -12.63
N PHE A 17 15.09 20.06 -12.62
CA PHE A 17 14.29 19.49 -13.69
C PHE A 17 12.78 19.81 -13.62
N GLN A 18 12.27 20.38 -14.70
CA GLN A 18 10.83 20.69 -14.82
C GLN A 18 10.36 19.66 -15.84
N GLY A 19 9.56 18.70 -15.38
CA GLY A 19 9.09 17.66 -16.26
C GLY A 19 10.30 16.78 -16.59
N LYS A 20 10.51 16.52 -17.89
CA LYS A 20 11.64 15.70 -18.34
C LYS A 20 12.96 16.49 -18.33
N PRO A 21 14.03 15.89 -17.79
CA PRO A 21 15.35 16.52 -17.73
C PRO A 21 15.90 16.81 -19.14
N THR A 22 16.53 17.96 -19.32
CA THR A 22 17.11 18.35 -20.60
C THR A 22 18.58 18.68 -20.46
N GLN A 23 19.33 18.57 -21.56
CA GLN A 23 20.77 18.85 -21.55
C GLN A 23 21.11 20.16 -20.85
N SER A 24 20.30 21.20 -21.10
CA SER A 24 20.51 22.52 -20.50
C SER A 24 20.52 22.49 -18.98
N ASP A 25 19.93 21.44 -18.39
CA ASP A 25 19.88 21.30 -16.94
C ASP A 25 21.22 20.87 -16.36
N PHE A 26 22.18 20.58 -17.24
CA PHE A 26 23.50 20.13 -16.80
C PHE A 26 24.60 21.05 -17.34
N GLU A 27 25.68 21.17 -16.56
CA GLU A 27 26.80 22.01 -16.94
C GLU A 27 28.14 21.35 -16.57
N LEU A 28 28.98 21.12 -17.58
CA LEU A 28 30.28 20.51 -17.37
C LEU A 28 31.18 21.50 -16.63
N LYS A 29 31.90 20.99 -15.64
CA LYS A 29 32.80 21.80 -14.83
C LYS A 29 34.15 21.09 -14.72
N THR A 30 35.21 21.87 -14.67
CA THR A 30 36.56 21.31 -14.56
C THR A 30 37.29 21.92 -13.37
N VAL A 31 37.92 21.07 -12.56
CA VAL A 31 38.66 21.50 -11.39
C VAL A 31 40.01 20.80 -11.29
N GLU A 32 41.05 21.60 -11.03
CA GLU A 32 42.40 21.09 -10.90
C GLU A 32 42.50 20.41 -9.53
N LEU A 33 43.00 19.17 -9.52
CA LEU A 33 43.11 18.41 -8.28
C LEU A 33 44.37 18.69 -7.46
N PRO A 34 44.21 18.81 -6.14
CA PRO A 34 45.34 19.07 -5.24
C PRO A 34 46.09 17.75 -4.99
N PRO A 35 47.36 17.82 -4.58
CA PRO A 35 48.11 16.59 -4.32
C PRO A 35 47.50 15.77 -3.19
N LEU A 36 47.75 14.47 -3.19
CA LEU A 36 47.26 13.57 -2.17
C LEU A 36 47.97 13.75 -0.85
N LYS A 37 47.20 13.74 0.24
CA LYS A 37 47.75 13.85 1.57
C LYS A 37 47.74 12.43 2.16
N ASN A 38 48.48 12.21 3.23
CA ASN A 38 48.54 10.89 3.86
C ASN A 38 47.15 10.37 4.20
N GLY A 39 46.89 9.12 3.82
CA GLY A 39 45.59 8.51 4.07
C GLY A 39 44.59 8.81 2.97
N GLU A 40 45.05 9.28 1.81
CA GLU A 40 44.16 9.59 0.69
C GLU A 40 44.48 8.78 -0.55
N VAL A 41 43.51 8.69 -1.46
CA VAL A 41 43.66 7.97 -2.72
C VAL A 41 43.08 8.80 -3.86
N LEU A 42 43.68 8.67 -5.05
CA LEU A 42 43.20 9.38 -6.23
C LEU A 42 42.50 8.33 -7.08
N LEU A 43 41.23 8.57 -7.41
CA LEU A 43 40.45 7.64 -8.22
C LEU A 43 40.21 8.12 -9.64
N GLU A 44 40.17 7.17 -10.58
CA GLU A 44 39.91 7.45 -11.98
C GLU A 44 38.70 6.63 -12.39
N ALA A 45 37.61 7.32 -12.72
CA ALA A 45 36.38 6.65 -13.11
C ALA A 45 36.55 5.77 -14.33
N LEU A 46 36.06 4.53 -14.24
CA LEU A 46 36.14 3.59 -15.35
C LEU A 46 34.73 3.44 -15.92
N PHE A 47 33.77 3.22 -15.04
CA PHE A 47 32.36 3.04 -15.42
C PHE A 47 31.46 3.80 -14.47
N LEU A 48 30.59 4.65 -15.02
CA LEU A 48 29.68 5.44 -14.22
C LEU A 48 28.26 4.97 -14.42
N SER A 49 27.46 5.07 -13.38
CA SER A 49 26.06 4.65 -13.43
C SER A 49 25.09 5.82 -13.46
N VAL A 50 24.00 5.65 -14.21
CA VAL A 50 22.94 6.65 -14.26
C VAL A 50 21.72 5.87 -13.75
N ASP A 51 20.99 6.43 -12.79
CA ASP A 51 19.84 5.73 -12.22
C ASP A 51 18.61 6.59 -12.05
N PRO A 52 17.41 5.98 -12.12
CA PRO A 52 16.13 6.69 -11.97
C PRO A 52 16.03 7.55 -10.71
N TYR A 53 16.55 7.05 -9.58
CA TYR A 53 16.47 7.80 -8.33
C TYR A 53 17.08 9.20 -8.42
N MET A 54 18.02 9.37 -9.36
CA MET A 54 18.68 10.66 -9.57
C MET A 54 17.68 11.75 -9.92
N ARG A 55 16.63 11.37 -10.65
CA ARG A 55 15.58 12.32 -11.05
C ARG A 55 14.91 12.93 -9.82
N ILE A 56 14.76 12.16 -8.76
CA ILE A 56 14.13 12.64 -7.54
C ILE A 56 15.14 13.22 -6.56
N ALA A 57 16.22 12.48 -6.31
CA ALA A 57 17.24 12.93 -5.38
C ALA A 57 17.87 14.26 -5.80
N SER A 58 17.77 14.59 -7.08
CA SER A 58 18.33 15.84 -7.60
C SER A 58 17.65 17.08 -7.00
N LYS A 59 16.42 16.91 -6.50
CA LYS A 59 15.67 18.00 -5.91
C LYS A 59 16.30 18.54 -4.64
N ARG A 60 16.82 17.64 -3.81
CA ARG A 60 17.47 18.03 -2.56
C ARG A 60 18.82 18.71 -2.83
N LEU A 61 19.27 18.60 -4.08
CA LEU A 61 20.54 19.15 -4.53
C LEU A 61 20.49 20.67 -4.72
N LYS A 62 21.59 21.33 -4.37
CA LYS A 62 21.71 22.76 -4.53
C LYS A 62 22.22 22.98 -5.94
N GLU A 63 21.51 23.81 -6.72
CA GLU A 63 21.90 24.08 -8.10
C GLU A 63 23.35 24.53 -8.17
N GLY A 64 24.12 23.85 -9.01
CA GLY A 64 25.53 24.16 -9.13
C GLY A 64 26.36 23.01 -8.59
N ALA A 65 25.77 22.23 -7.70
CA ALA A 65 26.45 21.08 -7.10
C ALA A 65 26.59 19.94 -8.10
N VAL A 66 27.48 19.00 -7.80
CA VAL A 66 27.73 17.84 -8.67
C VAL A 66 26.62 16.79 -8.52
N MET A 67 26.17 16.25 -9.65
CA MET A 67 25.11 15.22 -9.65
C MET A 67 25.54 13.99 -8.85
N MET A 68 24.60 13.41 -8.09
CA MET A 68 24.92 12.21 -7.29
C MET A 68 24.97 10.94 -8.14
N GLY A 69 25.68 9.93 -7.63
CA GLY A 69 25.78 8.67 -8.35
C GLY A 69 26.95 7.78 -7.94
N GLN A 70 26.82 6.50 -8.26
CA GLN A 70 27.87 5.53 -7.95
C GLN A 70 28.67 5.20 -9.22
N GLN A 71 29.94 4.86 -9.03
CA GLN A 71 30.81 4.52 -10.14
C GLN A 71 31.84 3.48 -9.75
N VAL A 72 32.37 2.80 -10.77
CA VAL A 72 33.42 1.82 -10.60
C VAL A 72 34.67 2.63 -10.97
N ALA A 73 35.63 2.69 -10.05
CA ALA A 73 36.85 3.46 -10.28
C ALA A 73 38.12 2.67 -10.01
N ARG A 74 39.23 3.19 -10.49
CA ARG A 74 40.54 2.58 -10.30
C ARG A 74 41.40 3.54 -9.51
N VAL A 75 42.17 2.99 -8.57
CA VAL A 75 43.07 3.78 -7.75
C VAL A 75 44.34 4.06 -8.55
N VAL A 76 44.52 5.32 -8.97
CA VAL A 76 45.70 5.70 -9.74
C VAL A 76 46.90 5.86 -8.81
N GLU A 77 46.74 6.69 -7.78
CA GLU A 77 47.78 6.92 -6.79
C GLU A 77 47.20 6.65 -5.41
N SER A 78 48.03 6.16 -4.50
CA SER A 78 47.56 5.86 -3.16
C SER A 78 48.54 6.11 -2.03
N LYS A 79 47.99 6.62 -0.93
CA LYS A 79 48.72 6.88 0.27
C LYS A 79 47.83 6.34 1.39
N ASN A 80 47.09 5.28 1.06
CA ASN A 80 46.18 4.60 1.97
C ASN A 80 46.40 3.11 1.74
N SER A 81 47.07 2.46 2.68
CA SER A 81 47.40 1.04 2.59
C SER A 81 46.24 0.07 2.33
N ALA A 82 45.02 0.47 2.67
CA ALA A 82 43.85 -0.39 2.46
C ALA A 82 43.41 -0.38 0.99
N PHE A 83 43.77 0.67 0.26
CA PHE A 83 43.42 0.81 -1.15
C PHE A 83 44.67 1.03 -1.99
N PRO A 84 45.41 -0.05 -2.30
CA PRO A 84 46.64 0.04 -3.10
C PRO A 84 46.40 0.54 -4.52
N ALA A 85 47.40 1.19 -5.11
CA ALA A 85 47.28 1.67 -6.48
C ALA A 85 46.95 0.48 -7.36
N GLY A 86 46.06 0.68 -8.32
CA GLY A 86 45.67 -0.39 -9.21
C GLY A 86 44.45 -1.18 -8.78
N SER A 87 44.02 -1.03 -7.52
CA SER A 87 42.86 -1.75 -7.02
C SER A 87 41.56 -1.10 -7.52
N ILE A 88 40.52 -1.92 -7.73
CA ILE A 88 39.24 -1.41 -8.19
C ILE A 88 38.30 -1.16 -7.01
N VAL A 89 37.53 -0.08 -7.10
CA VAL A 89 36.59 0.27 -6.04
C VAL A 89 35.28 0.83 -6.57
N LEU A 90 34.26 0.80 -5.72
CA LEU A 90 32.93 1.35 -6.03
C LEU A 90 32.81 2.61 -5.18
N ALA A 91 32.41 3.72 -5.80
CA ALA A 91 32.31 4.95 -5.03
C ALA A 91 31.12 5.83 -5.37
N GLN A 92 30.57 6.45 -4.34
CA GLN A 92 29.44 7.35 -4.50
C GLN A 92 30.01 8.76 -4.71
N SER A 93 31.01 8.84 -5.59
CA SER A 93 31.70 10.08 -5.91
C SER A 93 30.93 11.01 -6.85
N GLY A 94 29.81 10.51 -7.38
CA GLY A 94 29.02 11.31 -8.29
C GLY A 94 29.51 11.29 -9.72
N TRP A 95 29.01 12.23 -10.51
CA TRP A 95 29.37 12.34 -11.93
C TRP A 95 30.69 13.10 -12.05
N THR A 96 31.79 12.37 -11.96
CA THR A 96 33.12 12.97 -12.06
C THR A 96 34.12 11.94 -12.60
N THR A 97 35.10 12.41 -13.37
CA THR A 97 36.12 11.55 -13.97
C THR A 97 37.22 11.11 -13.00
N HIS A 98 37.58 11.99 -12.06
CA HIS A 98 38.61 11.72 -11.05
C HIS A 98 38.12 12.24 -9.71
N PHE A 99 38.59 11.64 -8.63
CA PHE A 99 38.14 12.03 -7.29
C PHE A 99 39.12 11.61 -6.21
N ILE A 100 39.35 12.50 -5.25
CA ILE A 100 40.24 12.22 -4.13
C ILE A 100 39.37 11.74 -2.97
N SER A 101 39.72 10.59 -2.42
CA SER A 101 38.97 10.02 -1.31
C SER A 101 39.90 9.64 -0.17
N ASP A 102 39.40 9.78 1.05
CA ASP A 102 40.18 9.40 2.22
C ASP A 102 39.90 7.93 2.55
N GLY A 103 39.04 7.31 1.74
CA GLY A 103 38.70 5.90 1.93
C GLY A 103 37.38 5.59 2.61
N LYS A 104 36.67 6.62 3.07
CA LYS A 104 35.40 6.41 3.77
C LYS A 104 34.32 5.59 3.04
N GLY A 105 33.58 6.23 2.16
CA GLY A 105 32.51 5.53 1.44
C GLY A 105 32.90 4.52 0.37
N LEU A 106 34.20 4.25 0.22
CA LEU A 106 34.67 3.30 -0.79
C LEU A 106 34.38 1.85 -0.45
N GLU A 107 33.91 1.10 -1.44
CA GLU A 107 33.56 -0.30 -1.27
C GLU A 107 34.38 -1.16 -2.22
N LYS A 108 35.17 -2.07 -1.66
CA LYS A 108 35.99 -2.96 -2.47
C LYS A 108 35.11 -3.87 -3.31
N LEU A 109 35.52 -4.07 -4.56
CA LEU A 109 34.79 -4.93 -5.48
C LEU A 109 34.76 -6.35 -4.92
N LEU A 110 33.76 -7.14 -5.30
CA LEU A 110 33.66 -8.51 -4.83
C LEU A 110 34.97 -9.22 -5.11
N THR A 111 35.54 -9.87 -4.10
CA THR A 111 36.80 -10.60 -4.28
C THR A 111 36.52 -11.78 -5.20
N GLU A 112 37.56 -12.25 -5.89
CA GLU A 112 37.46 -13.37 -6.83
C GLU A 112 36.67 -13.01 -8.08
N TRP A 113 36.67 -11.73 -8.45
CA TRP A 113 35.95 -11.26 -9.62
C TRP A 113 36.56 -11.89 -10.89
N PRO A 114 35.71 -12.55 -11.70
CA PRO A 114 36.16 -13.19 -12.94
C PRO A 114 36.54 -12.19 -14.02
N ASP A 115 37.65 -12.46 -14.70
CA ASP A 115 38.13 -11.60 -15.78
C ASP A 115 37.11 -11.53 -16.93
N LYS A 116 36.34 -12.60 -17.10
CA LYS A 116 35.33 -12.68 -18.17
C LYS A 116 34.13 -11.76 -17.97
N LEU A 117 33.92 -11.31 -16.74
CA LEU A 117 32.80 -10.42 -16.45
C LEU A 117 33.27 -8.97 -16.43
N PRO A 118 32.64 -8.10 -17.24
CA PRO A 118 33.06 -6.70 -17.24
C PRO A 118 32.79 -6.07 -15.87
N LEU A 119 33.69 -5.22 -15.41
CA LEU A 119 33.57 -4.57 -14.11
C LEU A 119 32.30 -3.77 -13.91
N SER A 120 31.67 -3.33 -15.00
CA SER A 120 30.44 -2.54 -14.92
C SER A 120 29.25 -3.28 -14.31
N LEU A 121 29.32 -4.62 -14.29
CA LEU A 121 28.23 -5.41 -13.70
C LEU A 121 28.11 -5.13 -12.20
N ALA A 122 29.18 -4.59 -11.61
CA ALA A 122 29.18 -4.24 -10.19
C ALA A 122 28.24 -3.07 -9.92
N LEU A 123 27.74 -2.44 -11.00
CA LEU A 123 26.84 -1.29 -10.90
C LEU A 123 25.41 -1.69 -11.29
N GLY A 124 25.24 -2.93 -11.73
CA GLY A 124 23.93 -3.41 -12.15
C GLY A 124 23.55 -4.76 -11.60
N THR A 125 23.61 -5.79 -12.44
CA THR A 125 23.23 -7.15 -12.08
C THR A 125 23.94 -7.69 -10.83
N ILE A 126 25.24 -7.42 -10.72
CA ILE A 126 25.98 -7.87 -9.54
C ILE A 126 26.30 -6.61 -8.74
N GLY A 127 25.26 -5.78 -8.59
CA GLY A 127 25.37 -4.54 -7.86
C GLY A 127 24.03 -4.14 -7.29
N MET A 128 23.91 -2.86 -6.94
CA MET A 128 22.71 -2.30 -6.35
C MET A 128 21.38 -2.71 -7.00
N PRO A 129 21.24 -2.57 -8.34
CA PRO A 129 19.97 -2.97 -8.96
C PRO A 129 19.67 -4.46 -8.78
N GLY A 130 20.70 -5.29 -8.92
CA GLY A 130 20.54 -6.72 -8.77
C GLY A 130 20.16 -7.09 -7.34
N LEU A 131 20.67 -6.33 -6.38
CA LEU A 131 20.36 -6.57 -4.97
C LEU A 131 18.93 -6.13 -4.68
N THR A 132 18.48 -5.06 -5.34
CA THR A 132 17.13 -4.55 -5.16
C THR A 132 16.13 -5.62 -5.59
N ALA A 133 16.40 -6.24 -6.74
CA ALA A 133 15.57 -7.29 -7.28
C ALA A 133 15.57 -8.51 -6.36
N TYR A 134 16.77 -8.96 -6.02
CA TYR A 134 16.97 -10.11 -5.14
C TYR A 134 16.12 -10.00 -3.87
N PHE A 135 16.29 -8.89 -3.14
CA PHE A 135 15.56 -8.70 -1.90
C PHE A 135 14.08 -8.41 -2.00
N GLY A 136 13.71 -7.55 -2.95
CA GLY A 136 12.31 -7.22 -3.11
C GLY A 136 11.49 -8.43 -3.52
N LEU A 137 12.12 -9.33 -4.27
CA LEU A 137 11.46 -10.53 -4.74
C LEU A 137 11.46 -11.62 -3.67
N LEU A 138 12.65 -12.02 -3.23
CA LEU A 138 12.80 -13.07 -2.23
C LEU A 138 12.42 -12.72 -0.79
N GLU A 139 12.56 -11.44 -0.42
CA GLU A 139 12.22 -11.01 0.94
C GLU A 139 10.85 -10.35 1.04
N VAL A 140 10.64 -9.28 0.27
CA VAL A 140 9.38 -8.55 0.28
C VAL A 140 8.25 -9.40 -0.28
N CYS A 141 8.36 -9.82 -1.54
CA CYS A 141 7.33 -10.68 -2.14
C CYS A 141 7.39 -12.04 -1.47
N GLY A 142 8.59 -12.45 -1.08
CA GLY A 142 8.78 -13.72 -0.40
C GLY A 142 8.36 -14.95 -1.19
N VAL A 143 8.66 -14.97 -2.49
CA VAL A 143 8.32 -16.10 -3.34
C VAL A 143 9.04 -17.37 -2.85
N LYS A 144 8.41 -18.52 -3.03
CA LYS A 144 8.98 -19.79 -2.63
C LYS A 144 8.71 -20.87 -3.67
N GLY A 145 8.42 -20.45 -4.90
CA GLY A 145 8.15 -21.40 -5.96
C GLY A 145 6.68 -21.61 -6.25
N GLY A 146 6.32 -21.64 -7.53
CA GLY A 146 4.93 -21.84 -7.91
C GLY A 146 4.12 -20.57 -8.10
N GLU A 147 4.47 -19.49 -7.39
CA GLU A 147 3.73 -18.23 -7.51
C GLU A 147 3.84 -17.61 -8.90
N THR A 148 2.90 -16.73 -9.22
CA THR A 148 2.94 -16.03 -10.50
C THR A 148 3.36 -14.59 -10.17
N VAL A 149 4.48 -14.17 -10.76
CA VAL A 149 5.04 -12.85 -10.53
C VAL A 149 4.89 -11.92 -11.73
N LEU A 150 4.46 -10.68 -11.45
CA LEU A 150 4.32 -9.64 -12.47
C LEU A 150 5.41 -8.62 -12.15
N VAL A 151 6.17 -8.21 -13.16
CA VAL A 151 7.23 -7.23 -12.97
C VAL A 151 7.16 -6.17 -14.04
N SER A 152 7.03 -4.92 -13.61
CA SER A 152 6.96 -3.79 -14.54
C SER A 152 8.39 -3.36 -14.84
N ALA A 153 8.58 -2.65 -15.96
CA ALA A 153 9.93 -2.22 -16.40
C ALA A 153 10.78 -3.50 -16.43
N ALA A 154 10.17 -4.56 -16.98
CA ALA A 154 10.78 -5.88 -17.08
C ALA A 154 12.12 -5.99 -17.78
N ALA A 155 12.39 -5.11 -18.75
CA ALA A 155 13.66 -5.15 -19.48
C ALA A 155 14.71 -4.21 -18.91
N GLY A 156 14.38 -3.59 -17.77
CA GLY A 156 15.30 -2.68 -17.10
C GLY A 156 16.32 -3.43 -16.28
N ALA A 157 17.16 -2.69 -15.57
CA ALA A 157 18.21 -3.30 -14.75
C ALA A 157 17.64 -4.17 -13.63
N VAL A 158 16.72 -3.61 -12.85
CA VAL A 158 16.11 -4.36 -11.75
C VAL A 158 15.13 -5.41 -12.26
N GLY A 159 14.24 -5.00 -13.15
CA GLY A 159 13.25 -5.91 -13.69
C GLY A 159 13.81 -7.16 -14.34
N SER A 160 14.93 -7.01 -15.06
CA SER A 160 15.57 -8.15 -15.74
C SER A 160 16.01 -9.20 -14.77
N VAL A 161 16.52 -8.76 -13.62
CA VAL A 161 16.99 -9.67 -12.58
C VAL A 161 15.80 -10.33 -11.88
N VAL A 162 14.79 -9.53 -11.52
CA VAL A 162 13.58 -10.03 -10.87
C VAL A 162 13.01 -11.22 -11.63
N GLY A 163 12.71 -11.00 -12.90
CA GLY A 163 12.15 -12.05 -13.74
C GLY A 163 12.98 -13.33 -13.80
N GLN A 164 14.29 -13.19 -13.96
CA GLN A 164 15.16 -14.35 -14.03
C GLN A 164 15.34 -15.05 -12.69
N ILE A 165 15.32 -14.30 -11.60
CA ILE A 165 15.44 -14.93 -10.28
C ILE A 165 14.14 -15.65 -9.99
N ALA A 166 13.02 -15.06 -10.42
CA ALA A 166 11.71 -15.66 -10.22
C ALA A 166 11.64 -16.99 -10.97
N LYS A 167 12.21 -17.02 -12.17
CA LYS A 167 12.22 -18.23 -12.98
C LYS A 167 13.09 -19.33 -12.36
N LEU A 168 14.29 -18.98 -11.90
CA LEU A 168 15.21 -19.96 -11.29
C LEU A 168 14.69 -20.51 -9.97
N LYS A 169 13.69 -19.83 -9.39
CA LYS A 169 13.08 -20.25 -8.13
C LYS A 169 11.77 -21.03 -8.38
N GLY A 170 11.42 -21.22 -9.66
CA GLY A 170 10.21 -21.96 -10.00
C GLY A 170 8.91 -21.19 -10.08
N CYS A 171 8.99 -19.88 -10.33
CA CYS A 171 7.78 -19.07 -10.43
C CYS A 171 7.43 -18.82 -11.90
N LYS A 172 6.15 -18.54 -12.14
CA LYS A 172 5.65 -18.20 -13.47
C LYS A 172 5.82 -16.67 -13.50
N VAL A 173 6.42 -16.15 -14.56
CA VAL A 173 6.68 -14.71 -14.66
C VAL A 173 6.08 -13.98 -15.87
N VAL A 174 5.45 -12.84 -15.57
CA VAL A 174 4.85 -11.99 -16.58
C VAL A 174 5.58 -10.65 -16.51
N GLY A 175 6.07 -10.18 -17.65
CA GLY A 175 6.79 -8.93 -17.68
C GLY A 175 6.20 -7.90 -18.61
N ALA A 176 6.41 -6.63 -18.26
CA ALA A 176 5.91 -5.54 -19.08
C ALA A 176 7.01 -4.52 -19.33
N ALA A 177 7.22 -4.18 -20.60
CA ALA A 177 8.23 -3.20 -20.99
C ALA A 177 7.71 -2.25 -22.07
N GLY A 178 8.54 -1.28 -22.46
CA GLY A 178 8.12 -0.29 -23.45
C GLY A 178 8.38 -0.45 -24.94
N SER A 179 8.92 -1.59 -25.38
CA SER A 179 9.19 -1.77 -26.80
C SER A 179 9.04 -3.22 -27.27
N ASP A 180 8.80 -3.40 -28.57
CA ASP A 180 8.67 -4.74 -29.14
C ASP A 180 10.00 -5.48 -28.98
N GLU A 181 11.10 -4.73 -29.04
CA GLU A 181 12.45 -5.30 -28.90
C GLU A 181 12.65 -5.86 -27.49
N LYS A 182 12.24 -5.08 -26.48
CA LYS A 182 12.36 -5.50 -25.09
C LYS A 182 11.49 -6.73 -24.80
N ILE A 183 10.33 -6.76 -25.42
CA ILE A 183 9.39 -7.88 -25.29
C ILE A 183 10.01 -9.16 -25.83
N ALA A 184 10.65 -9.06 -26.99
CA ALA A 184 11.32 -10.20 -27.63
C ALA A 184 12.49 -10.68 -26.77
N TYR A 185 13.21 -9.71 -26.19
CA TYR A 185 14.35 -10.04 -25.33
C TYR A 185 13.88 -10.74 -24.07
N LEU A 186 12.70 -10.35 -23.57
CA LEU A 186 12.13 -10.95 -22.36
C LEU A 186 11.75 -12.41 -22.61
N LYS A 187 11.21 -12.69 -23.80
CA LYS A 187 10.84 -14.05 -24.15
C LYS A 187 12.11 -14.90 -24.23
N GLN A 188 13.17 -14.31 -24.78
CA GLN A 188 14.46 -14.98 -24.94
C GLN A 188 15.10 -15.39 -23.61
N ILE A 189 15.08 -14.50 -22.61
CA ILE A 189 15.68 -14.85 -21.31
C ILE A 189 14.80 -15.68 -20.37
N GLY A 190 13.65 -16.13 -20.87
CA GLY A 190 12.82 -16.99 -20.03
C GLY A 190 11.47 -16.52 -19.49
N PHE A 191 11.06 -15.29 -19.80
CA PHE A 191 9.77 -14.83 -19.31
C PHE A 191 8.66 -15.67 -19.95
N ASP A 192 7.69 -16.08 -19.14
CA ASP A 192 6.58 -16.88 -19.63
C ASP A 192 5.67 -16.06 -20.52
N ALA A 193 5.61 -14.76 -20.24
CA ALA A 193 4.79 -13.85 -21.01
C ALA A 193 5.31 -12.45 -20.83
N ALA A 194 5.14 -11.63 -21.85
CA ALA A 194 5.58 -10.25 -21.80
C ALA A 194 4.80 -9.47 -22.83
N PHE A 195 4.42 -8.25 -22.47
CA PHE A 195 3.69 -7.41 -23.39
C PHE A 195 4.20 -5.99 -23.29
N ASN A 196 4.07 -5.29 -24.42
CA ASN A 196 4.46 -3.90 -24.56
C ASN A 196 3.29 -3.09 -23.98
N TYR A 197 3.49 -2.51 -22.78
CA TYR A 197 2.42 -1.75 -22.14
C TYR A 197 1.97 -0.51 -22.90
N LYS A 198 2.82 -0.03 -23.81
CA LYS A 198 2.50 1.16 -24.60
C LYS A 198 1.53 0.90 -25.76
N THR A 199 1.57 -0.31 -26.32
CA THR A 199 0.71 -0.64 -27.45
C THR A 199 -0.46 -1.55 -27.12
N VAL A 200 -0.64 -1.86 -25.85
CA VAL A 200 -1.71 -2.75 -25.39
C VAL A 200 -3.10 -2.18 -25.67
N ASN A 201 -3.99 -3.04 -26.18
CA ASN A 201 -5.37 -2.64 -26.47
C ASN A 201 -6.14 -2.42 -25.16
N SER A 202 -5.84 -3.27 -24.18
CA SER A 202 -6.46 -3.22 -22.86
C SER A 202 -5.47 -3.81 -21.85
N LEU A 203 -4.98 -2.96 -20.96
CA LEU A 203 -4.03 -3.38 -19.93
C LEU A 203 -4.65 -4.51 -19.09
N GLU A 204 -5.91 -4.32 -18.70
CA GLU A 204 -6.63 -5.31 -17.90
C GLU A 204 -6.70 -6.65 -18.61
N GLU A 205 -7.08 -6.64 -19.89
CA GLU A 205 -7.18 -7.86 -20.67
C GLU A 205 -5.82 -8.53 -20.88
N ALA A 206 -4.78 -7.72 -21.08
CA ALA A 206 -3.43 -8.25 -21.27
C ALA A 206 -2.98 -8.98 -20.01
N LEU A 207 -3.17 -8.34 -18.87
CA LEU A 207 -2.79 -8.93 -17.59
C LEU A 207 -3.62 -10.18 -17.33
N LYS A 208 -4.90 -10.13 -17.70
CA LYS A 208 -5.82 -11.25 -17.51
C LYS A 208 -5.35 -12.44 -18.36
N LYS A 209 -5.06 -12.17 -19.62
CA LYS A 209 -4.59 -13.15 -20.59
C LYS A 209 -3.27 -13.79 -20.16
N ALA A 210 -2.39 -12.99 -19.58
CA ALA A 210 -1.09 -13.47 -19.10
C ALA A 210 -1.22 -14.42 -17.90
N SER A 211 -2.25 -14.20 -17.08
CA SER A 211 -2.50 -15.04 -15.92
C SER A 211 -3.95 -14.90 -15.44
N PRO A 212 -4.84 -15.79 -15.90
CA PRO A 212 -6.26 -15.79 -15.52
C PRO A 212 -6.53 -16.02 -14.04
N ASP A 213 -5.64 -16.75 -13.37
CA ASP A 213 -5.78 -17.00 -11.94
C ASP A 213 -5.24 -15.83 -11.11
N GLY A 214 -4.66 -14.84 -11.78
CA GLY A 214 -4.13 -13.68 -11.08
C GLY A 214 -2.66 -13.71 -10.70
N TYR A 215 -2.25 -12.77 -9.87
CA TYR A 215 -0.85 -12.67 -9.46
C TYR A 215 -0.66 -12.73 -7.95
N ASP A 216 0.30 -13.55 -7.53
CA ASP A 216 0.64 -13.71 -6.12
C ASP A 216 1.45 -12.52 -5.64
N CYS A 217 2.26 -12.01 -6.56
CA CYS A 217 3.15 -10.91 -6.28
C CYS A 217 3.37 -10.01 -7.49
N TYR A 218 3.40 -8.71 -7.24
CA TYR A 218 3.66 -7.71 -8.26
C TYR A 218 4.85 -6.88 -7.79
N PHE A 219 5.96 -6.98 -8.50
CA PHE A 219 7.15 -6.21 -8.19
C PHE A 219 6.91 -4.90 -8.94
N ASP A 220 6.55 -3.86 -8.20
CA ASP A 220 6.23 -2.56 -8.79
C ASP A 220 7.41 -1.62 -9.00
N ASN A 221 7.74 -1.38 -10.26
CA ASN A 221 8.82 -0.47 -10.63
C ASN A 221 8.27 0.81 -11.24
N VAL A 222 7.03 0.76 -11.70
CA VAL A 222 6.39 1.88 -12.38
C VAL A 222 5.39 2.75 -11.60
N GLY A 223 4.60 2.12 -10.73
CA GLY A 223 3.62 2.86 -9.96
C GLY A 223 2.57 3.48 -10.87
N GLY A 224 1.97 4.58 -10.43
CA GLY A 224 0.97 5.27 -11.24
C GLY A 224 -0.23 4.46 -11.69
N GLU A 225 -0.66 4.72 -12.92
CA GLU A 225 -1.82 4.08 -13.54
C GLU A 225 -1.71 2.58 -13.74
N PHE A 226 -0.50 2.11 -14.04
CA PHE A 226 -0.25 0.69 -14.25
C PHE A 226 -0.51 -0.06 -12.95
N LEU A 227 -0.05 0.51 -11.83
CA LEU A 227 -0.25 -0.11 -10.51
C LEU A 227 -1.74 -0.23 -10.22
N ASN A 228 -2.48 0.85 -10.45
CA ASN A 228 -3.93 0.88 -10.21
C ASN A 228 -4.64 -0.25 -10.92
N THR A 229 -4.24 -0.53 -12.16
CA THR A 229 -4.87 -1.57 -12.95
C THR A 229 -4.52 -2.98 -12.49
N VAL A 230 -3.28 -3.15 -12.02
CA VAL A 230 -2.79 -4.43 -11.55
C VAL A 230 -3.56 -4.93 -10.32
N LEU A 231 -3.92 -4.00 -9.43
CA LEU A 231 -4.63 -4.34 -8.19
C LEU A 231 -5.83 -5.25 -8.43
N SER A 232 -6.57 -4.99 -9.50
CA SER A 232 -7.75 -5.78 -9.84
C SER A 232 -7.41 -7.22 -10.23
N GLN A 233 -6.15 -7.45 -10.59
CA GLN A 233 -5.65 -8.75 -11.04
C GLN A 233 -4.88 -9.52 -9.98
N MET A 234 -4.75 -8.94 -8.79
CA MET A 234 -4.02 -9.59 -7.72
C MET A 234 -4.90 -10.63 -7.03
N LYS A 235 -4.29 -11.73 -6.62
CA LYS A 235 -5.01 -12.80 -5.93
C LYS A 235 -5.22 -12.31 -4.49
N ASP A 236 -6.18 -12.91 -3.80
CA ASP A 236 -6.46 -12.54 -2.41
C ASP A 236 -5.18 -12.71 -1.59
N PHE A 237 -4.92 -11.76 -0.70
CA PHE A 237 -3.73 -11.77 0.14
C PHE A 237 -2.43 -11.57 -0.67
N GLY A 238 -2.59 -11.19 -1.92
CA GLY A 238 -1.45 -10.95 -2.79
C GLY A 238 -0.54 -9.82 -2.31
N LYS A 239 0.74 -9.98 -2.57
CA LYS A 239 1.73 -8.99 -2.15
C LYS A 239 2.14 -8.06 -3.30
N ILE A 240 2.46 -6.82 -2.96
CA ILE A 240 2.91 -5.84 -3.94
C ILE A 240 4.17 -5.18 -3.38
N ALA A 241 5.30 -5.46 -4.00
CA ALA A 241 6.56 -4.89 -3.57
C ALA A 241 6.71 -3.55 -4.28
N ILE A 242 6.59 -2.47 -3.50
CA ILE A 242 6.73 -1.13 -4.06
C ILE A 242 8.21 -0.76 -4.08
N CYS A 243 8.85 -1.04 -5.21
CA CYS A 243 10.26 -0.77 -5.44
C CYS A 243 10.52 0.63 -5.99
N GLY A 244 9.71 1.03 -6.96
CA GLY A 244 9.84 2.34 -7.56
C GLY A 244 8.56 2.78 -8.23
N ALA A 245 8.52 4.02 -8.72
CA ALA A 245 7.33 4.55 -9.39
C ALA A 245 7.77 5.53 -10.46
N ILE A 246 8.59 5.01 -11.37
CA ILE A 246 9.18 5.79 -12.45
C ILE A 246 8.17 6.60 -13.29
N SER A 247 6.95 6.10 -13.46
CA SER A 247 5.95 6.83 -14.24
C SER A 247 5.55 8.20 -13.66
N VAL A 248 5.79 8.42 -12.36
CA VAL A 248 5.44 9.69 -11.74
C VAL A 248 6.62 10.57 -11.34
N TYR A 249 7.84 10.15 -11.66
CA TYR A 249 9.04 10.92 -11.31
C TYR A 249 9.11 12.32 -11.90
N ASN A 250 8.44 12.54 -13.03
CA ASN A 250 8.43 13.85 -13.68
C ASN A 250 7.18 14.64 -13.29
N ARG A 251 6.30 14.02 -12.50
CA ARG A 251 5.05 14.67 -12.09
C ARG A 251 4.73 14.44 -10.61
N MET A 252 5.76 14.48 -9.76
CA MET A 252 5.59 14.27 -8.32
C MET A 252 4.66 15.28 -7.64
N ASP A 253 4.50 16.45 -8.25
CA ASP A 253 3.63 17.47 -7.68
C ASP A 253 2.16 17.25 -8.05
N GLN A 254 1.93 16.69 -9.23
CA GLN A 254 0.57 16.42 -9.71
C GLN A 254 0.41 14.92 -9.98
N LEU A 255 0.30 14.15 -8.90
CA LEU A 255 0.15 12.71 -8.98
C LEU A 255 -1.23 12.29 -9.52
N PRO A 256 -1.27 11.24 -10.35
CA PRO A 256 -2.50 10.70 -10.96
C PRO A 256 -3.45 10.10 -9.92
N PRO A 257 -4.69 9.74 -10.34
CA PRO A 257 -5.67 9.15 -9.43
C PRO A 257 -5.05 7.92 -8.76
N GLY A 258 -5.31 7.79 -7.46
CA GLY A 258 -4.75 6.68 -6.71
C GLY A 258 -5.35 5.30 -6.89
N PRO A 259 -4.86 4.32 -6.12
CA PRO A 259 -5.30 2.94 -6.15
C PRO A 259 -6.71 2.81 -5.56
N SER A 260 -7.48 1.85 -6.06
CA SER A 260 -8.84 1.65 -5.58
C SER A 260 -8.85 0.97 -4.22
N PRO A 261 -9.59 1.53 -3.26
CA PRO A 261 -9.69 0.97 -1.91
C PRO A 261 -10.43 -0.36 -1.97
N GLU A 262 -11.35 -0.49 -2.92
CA GLU A 262 -12.16 -1.68 -3.11
C GLU A 262 -11.29 -2.93 -3.30
N SER A 263 -10.31 -2.84 -4.20
CA SER A 263 -9.42 -3.95 -4.46
C SER A 263 -8.54 -4.27 -3.26
N ILE A 264 -7.91 -3.23 -2.72
CA ILE A 264 -7.02 -3.40 -1.57
C ILE A 264 -7.70 -4.07 -0.39
N ILE A 265 -8.92 -3.62 -0.09
CA ILE A 265 -9.71 -4.13 1.03
C ILE A 265 -10.28 -5.53 0.84
N TYR A 266 -11.15 -5.68 -0.17
CA TYR A 266 -11.79 -6.97 -0.43
C TYR A 266 -10.84 -8.10 -0.83
N LYS A 267 -9.68 -7.75 -1.40
CA LYS A 267 -8.70 -8.75 -1.79
C LYS A 267 -7.62 -8.89 -0.71
N GLN A 268 -7.73 -8.05 0.33
CA GLN A 268 -6.81 -8.03 1.45
C GLN A 268 -5.35 -8.07 0.99
N LEU A 269 -5.03 -7.14 0.10
CA LEU A 269 -3.68 -7.04 -0.46
C LEU A 269 -2.70 -6.43 0.53
N ARG A 270 -1.44 -6.80 0.36
CA ARG A 270 -0.37 -6.29 1.21
C ARG A 270 0.60 -5.53 0.31
N ILE A 271 0.67 -4.22 0.52
CA ILE A 271 1.54 -3.34 -0.25
C ILE A 271 2.71 -2.93 0.64
N GLU A 272 3.93 -3.13 0.15
CA GLU A 272 5.13 -2.79 0.92
C GLU A 272 6.25 -2.11 0.14
N GLY A 273 6.71 -0.97 0.65
CA GLY A 273 7.80 -0.24 0.03
C GLY A 273 9.10 -0.71 0.66
N PHE A 274 10.21 -0.56 -0.06
CA PHE A 274 11.51 -0.98 0.45
C PHE A 274 12.68 -0.31 -0.25
N ILE A 275 13.83 -0.33 0.40
CA ILE A 275 15.06 0.23 -0.17
C ILE A 275 16.16 -0.80 0.00
N VAL A 276 16.98 -0.97 -1.04
CA VAL A 276 18.07 -1.96 -1.05
C VAL A 276 18.92 -1.95 0.20
N TYR A 277 19.30 -0.76 0.60
CA TYR A 277 20.16 -0.55 1.76
C TYR A 277 19.69 -1.11 3.10
N ARG A 278 18.47 -1.66 3.14
CA ARG A 278 17.94 -2.25 4.38
C ARG A 278 18.78 -3.49 4.69
N TRP A 279 19.24 -4.16 3.65
CA TRP A 279 20.02 -5.38 3.80
C TRP A 279 21.53 -5.13 3.76
N GLN A 280 22.18 -5.34 4.90
CA GLN A 280 23.62 -5.13 5.04
C GLN A 280 24.36 -6.37 5.55
N GLY A 281 25.66 -6.21 5.73
CA GLY A 281 26.50 -7.29 6.25
C GLY A 281 26.53 -8.60 5.49
N ASP A 282 26.45 -9.68 6.25
CA ASP A 282 26.50 -11.05 5.73
C ASP A 282 25.44 -11.40 4.69
N VAL A 283 24.20 -10.96 4.92
CA VAL A 283 23.11 -11.24 4.01
C VAL A 283 23.30 -10.56 2.65
N ARG A 284 23.91 -9.37 2.68
CA ARG A 284 24.16 -8.61 1.47
C ARG A 284 25.26 -9.28 0.64
N GLU A 285 26.32 -9.70 1.32
CA GLU A 285 27.44 -10.36 0.65
C GLU A 285 26.96 -11.68 0.05
N LYS A 286 26.09 -12.37 0.78
CA LYS A 286 25.52 -13.63 0.35
C LYS A 286 24.74 -13.40 -0.94
N ALA A 287 23.95 -12.33 -0.94
CA ALA A 287 23.15 -11.96 -2.11
C ALA A 287 24.04 -11.70 -3.32
N LEU A 288 25.13 -10.97 -3.12
CA LEU A 288 26.08 -10.67 -4.19
C LEU A 288 26.75 -11.94 -4.72
N ARG A 289 27.09 -12.85 -3.81
CA ARG A 289 27.71 -14.13 -4.19
C ARG A 289 26.74 -14.96 -5.04
N ASP A 290 25.46 -14.95 -4.64
CA ASP A 290 24.42 -15.68 -5.36
C ASP A 290 24.22 -15.12 -6.77
N LEU A 291 24.14 -13.79 -6.87
CA LEU A 291 23.99 -13.11 -8.16
C LEU A 291 25.18 -13.45 -9.04
N MET A 292 26.38 -13.38 -8.46
CA MET A 292 27.60 -13.71 -9.17
C MET A 292 27.48 -15.14 -9.70
N LYS A 293 27.19 -16.07 -8.79
CA LYS A 293 27.05 -17.49 -9.12
C LYS A 293 25.99 -17.74 -10.18
N TRP A 294 24.84 -17.08 -10.07
CA TRP A 294 23.75 -17.26 -11.03
C TRP A 294 24.12 -16.73 -12.41
N VAL A 295 24.95 -15.69 -12.47
CA VAL A 295 25.38 -15.11 -13.74
C VAL A 295 26.36 -16.08 -14.43
N LEU A 296 27.27 -16.65 -13.64
CA LEU A 296 28.26 -17.60 -14.14
C LEU A 296 27.62 -18.91 -14.63
N GLU A 297 26.57 -19.34 -13.92
CA GLU A 297 25.86 -20.56 -14.28
C GLU A 297 24.96 -20.35 -15.49
N GLY A 298 24.78 -19.08 -15.88
CA GLY A 298 23.93 -18.77 -17.01
C GLY A 298 22.47 -18.61 -16.61
N LYS A 299 22.18 -18.70 -15.31
CA LYS A 299 20.82 -18.56 -14.79
C LYS A 299 20.30 -17.14 -15.02
N ILE A 300 21.16 -16.16 -14.73
CA ILE A 300 20.82 -14.77 -14.91
C ILE A 300 21.63 -14.21 -16.08
N GLN A 301 20.94 -13.97 -17.19
CA GLN A 301 21.60 -13.41 -18.36
C GLN A 301 21.58 -11.91 -18.20
N TYR A 302 22.49 -11.22 -18.87
CA TYR A 302 22.53 -9.78 -18.75
C TYR A 302 22.87 -9.09 -20.05
N HIS A 303 22.56 -7.80 -20.09
CA HIS A 303 22.85 -6.94 -21.22
C HIS A 303 23.01 -5.55 -20.64
N GLU A 304 23.99 -4.82 -21.16
CA GLU A 304 24.29 -3.48 -20.70
C GLU A 304 24.04 -2.47 -21.82
N HIS A 305 23.36 -1.39 -21.49
CA HIS A 305 23.13 -0.34 -22.47
C HIS A 305 24.25 0.64 -22.21
N VAL A 306 25.35 0.46 -22.94
CA VAL A 306 26.54 1.27 -22.79
C VAL A 306 26.55 2.57 -23.59
N THR A 307 26.84 3.66 -22.88
CA THR A 307 26.95 4.97 -23.50
C THR A 307 28.42 5.35 -23.29
N LYS A 308 29.15 5.53 -24.40
CA LYS A 308 30.57 5.86 -24.33
C LYS A 308 30.88 7.34 -24.18
N GLY A 309 31.74 7.65 -23.21
CA GLY A 309 32.15 9.03 -22.97
C GLY A 309 31.47 9.77 -21.82
N PHE A 310 32.29 10.27 -20.90
CA PHE A 310 31.81 11.02 -19.73
C PHE A 310 30.99 12.25 -20.13
N GLU A 311 31.36 12.88 -21.25
CA GLU A 311 30.64 14.07 -21.72
C GLU A 311 29.21 13.76 -22.19
N ASN A 312 28.92 12.47 -22.40
CA ASN A 312 27.60 12.01 -22.86
C ASN A 312 26.76 11.40 -21.72
N MET A 313 27.15 11.69 -20.49
CA MET A 313 26.45 11.18 -19.32
C MET A 313 25.05 11.78 -19.17
N PRO A 314 24.89 13.10 -19.38
CA PRO A 314 23.54 13.65 -19.24
C PRO A 314 22.56 13.00 -20.22
N ALA A 315 23.01 12.79 -21.46
CA ALA A 315 22.18 12.16 -22.49
C ALA A 315 21.81 10.74 -22.08
N ALA A 316 22.78 10.01 -21.54
CA ALA A 316 22.57 8.64 -21.09
C ALA A 316 21.50 8.55 -19.99
N PHE A 317 21.48 9.55 -19.11
CA PHE A 317 20.52 9.63 -18.00
C PHE A 317 19.12 9.93 -18.54
N ILE A 318 19.05 10.94 -19.39
CA ILE A 318 17.82 11.38 -20.02
C ILE A 318 17.16 10.25 -20.84
N GLU A 319 17.95 9.59 -21.67
CA GLU A 319 17.45 8.50 -22.50
C GLU A 319 17.05 7.27 -21.68
N MET A 320 17.72 7.06 -20.55
CA MET A 320 17.41 5.93 -19.68
C MET A 320 16.02 6.16 -19.07
N LEU A 321 15.74 7.41 -18.69
CA LEU A 321 14.43 7.78 -18.13
C LEU A 321 13.35 7.75 -19.21
N ASN A 322 13.76 7.86 -20.47
CA ASN A 322 12.82 7.84 -21.58
C ASN A 322 12.59 6.41 -22.08
N GLY A 323 13.43 5.47 -21.65
CA GLY A 323 13.27 4.08 -22.04
C GLY A 323 14.09 3.51 -23.18
N ALA A 324 15.16 4.19 -23.57
CA ALA A 324 16.00 3.71 -24.65
C ALA A 324 16.89 2.54 -24.23
N ASN A 325 17.09 2.39 -22.92
CA ASN A 325 17.95 1.35 -22.40
C ASN A 325 17.36 -0.04 -22.23
N LEU A 326 18.11 -1.03 -22.71
CA LEU A 326 17.76 -2.44 -22.57
C LEU A 326 18.84 -2.87 -21.58
N GLY A 327 18.43 -3.24 -20.37
CA GLY A 327 19.39 -3.63 -19.35
C GLY A 327 19.96 -2.38 -18.69
N LYS A 328 20.96 -2.58 -17.84
CA LYS A 328 21.59 -1.48 -17.10
C LYS A 328 22.28 -0.41 -17.95
N ALA A 329 21.89 0.85 -17.71
CA ALA A 329 22.48 1.98 -18.41
C ALA A 329 23.82 2.27 -17.71
N VAL A 330 24.91 2.24 -18.48
CA VAL A 330 26.25 2.47 -17.95
C VAL A 330 27.00 3.40 -18.89
N VAL A 331 27.75 4.34 -18.31
CA VAL A 331 28.54 5.28 -19.11
C VAL A 331 30.03 4.98 -18.92
N THR A 332 30.72 4.61 -20.00
CA THR A 332 32.17 4.34 -19.92
C THR A 332 32.89 5.67 -19.95
N ALA A 333 33.95 5.78 -19.15
CA ALA A 333 34.74 6.99 -19.06
C ALA A 333 35.36 7.39 -20.40
N PHE B 4 -54.45 -13.68 11.05
CA PHE B 4 -54.10 -12.29 10.65
C PHE B 4 -52.83 -12.25 9.82
N MET B 5 -52.94 -11.77 8.59
CA MET B 5 -51.80 -11.70 7.68
C MET B 5 -50.80 -10.58 7.99
N VAL B 6 -49.55 -10.82 7.62
CA VAL B 6 -48.48 -9.87 7.87
C VAL B 6 -48.03 -9.17 6.59
N LYS B 7 -47.99 -7.85 6.64
CA LYS B 7 -47.56 -7.04 5.51
C LYS B 7 -46.18 -6.46 5.79
N ALA B 8 -45.20 -6.95 5.05
CA ALA B 8 -43.82 -6.50 5.22
C ALA B 8 -43.47 -5.32 4.32
N LYS B 9 -42.70 -4.38 4.86
CA LYS B 9 -42.26 -3.23 4.10
C LYS B 9 -40.76 -3.34 3.86
N SER B 10 -40.32 -2.97 2.66
CA SER B 10 -38.91 -3.04 2.31
C SER B 10 -38.44 -1.77 1.60
N TRP B 11 -37.21 -1.36 1.92
CA TRP B 11 -36.61 -0.20 1.28
C TRP B 11 -35.80 -0.73 0.11
N THR B 12 -36.17 -0.31 -1.09
CA THR B 12 -35.48 -0.75 -2.30
C THR B 12 -34.72 0.39 -2.95
N LEU B 13 -33.67 0.05 -3.69
CA LEU B 13 -32.89 1.05 -4.40
C LEU B 13 -33.64 1.44 -5.67
N LYS B 14 -34.20 2.64 -5.68
CA LYS B 14 -34.93 3.16 -6.82
C LYS B 14 -33.95 3.46 -7.96
N LYS B 15 -32.80 4.01 -7.59
CA LYS B 15 -31.78 4.40 -8.55
C LYS B 15 -30.39 4.43 -7.92
N HIS B 16 -29.41 3.91 -8.66
CA HIS B 16 -28.03 3.88 -8.21
C HIS B 16 -27.57 5.28 -7.83
N PHE B 17 -26.95 5.39 -6.66
CA PHE B 17 -26.47 6.66 -6.14
C PHE B 17 -25.48 7.36 -7.08
N GLN B 18 -25.64 8.68 -7.21
CA GLN B 18 -24.76 9.50 -8.02
C GLN B 18 -24.14 10.46 -7.02
N GLY B 19 -22.94 10.14 -6.55
CA GLY B 19 -22.30 10.97 -5.55
C GLY B 19 -22.99 10.68 -4.22
N LYS B 20 -23.45 11.71 -3.54
CA LYS B 20 -24.14 11.55 -2.26
C LYS B 20 -25.54 11.02 -2.50
N PRO B 21 -25.95 9.97 -1.76
CA PRO B 21 -27.29 9.44 -1.93
C PRO B 21 -28.33 10.42 -1.38
N THR B 22 -29.53 10.40 -1.97
CA THR B 22 -30.62 11.27 -1.53
C THR B 22 -31.85 10.42 -1.30
N GLN B 23 -32.90 11.02 -0.74
CA GLN B 23 -34.14 10.29 -0.43
C GLN B 23 -34.83 9.70 -1.65
N SER B 24 -34.78 10.42 -2.78
CA SER B 24 -35.41 9.96 -4.01
C SER B 24 -34.80 8.67 -4.56
N ASP B 25 -33.59 8.33 -4.13
CA ASP B 25 -32.91 7.12 -4.57
C ASP B 25 -33.47 5.86 -3.91
N PHE B 26 -34.37 6.05 -2.95
CA PHE B 26 -34.96 4.93 -2.23
C PHE B 26 -36.46 4.88 -2.43
N GLU B 27 -37.00 3.65 -2.46
CA GLU B 27 -38.43 3.47 -2.63
C GLU B 27 -38.99 2.39 -1.71
N LEU B 28 -40.05 2.73 -1.00
CA LEU B 28 -40.72 1.83 -0.07
C LEU B 28 -41.72 0.93 -0.79
N LYS B 29 -41.67 -0.37 -0.49
CA LYS B 29 -42.58 -1.32 -1.10
C LYS B 29 -43.18 -2.21 -0.02
N THR B 30 -44.49 -2.42 -0.11
CA THR B 30 -45.22 -3.25 0.85
C THR B 30 -45.82 -4.45 0.15
N VAL B 31 -45.58 -5.63 0.69
CA VAL B 31 -46.11 -6.86 0.12
C VAL B 31 -46.56 -7.81 1.23
N GLU B 32 -47.73 -8.40 1.04
CA GLU B 32 -48.29 -9.35 1.99
C GLU B 32 -47.51 -10.64 1.82
N LEU B 33 -46.87 -11.09 2.90
CA LEU B 33 -46.07 -12.30 2.86
C LEU B 33 -46.93 -13.57 2.82
N PRO B 34 -46.43 -14.62 2.12
CA PRO B 34 -47.13 -15.90 1.99
C PRO B 34 -46.95 -16.74 3.26
N PRO B 35 -47.73 -17.83 3.39
CA PRO B 35 -47.61 -18.70 4.58
C PRO B 35 -46.23 -19.37 4.59
N LEU B 36 -45.77 -19.71 5.79
CA LEU B 36 -44.48 -20.37 5.96
C LEU B 36 -44.50 -21.80 5.44
N LYS B 37 -43.37 -22.25 4.93
CA LYS B 37 -43.24 -23.62 4.44
C LYS B 37 -42.37 -24.32 5.49
N ASN B 38 -42.39 -25.64 5.52
CA ASN B 38 -41.58 -26.40 6.50
C ASN B 38 -40.13 -25.97 6.50
N GLY B 39 -39.57 -25.81 7.69
CA GLY B 39 -38.18 -25.39 7.83
C GLY B 39 -37.96 -23.90 7.78
N GLU B 40 -39.04 -23.13 7.63
CA GLU B 40 -38.93 -21.68 7.57
C GLU B 40 -39.36 -20.98 8.85
N VAL B 41 -38.96 -19.72 8.95
CA VAL B 41 -39.29 -18.89 10.10
C VAL B 41 -39.67 -17.50 9.60
N LEU B 42 -40.51 -16.83 10.37
CA LEU B 42 -40.93 -15.48 10.05
C LEU B 42 -40.24 -14.57 11.06
N LEU B 43 -39.45 -13.64 10.54
CA LEU B 43 -38.71 -12.71 11.37
C LEU B 43 -39.35 -11.32 11.38
N GLU B 44 -39.22 -10.65 12.52
CA GLU B 44 -39.74 -9.31 12.72
C GLU B 44 -38.54 -8.47 13.19
N ALA B 45 -38.10 -7.55 12.34
CA ALA B 45 -36.96 -6.67 12.65
C ALA B 45 -37.17 -5.90 13.95
N LEU B 46 -36.09 -5.79 14.73
CA LEU B 46 -36.12 -5.07 15.99
C LEU B 46 -35.20 -3.86 15.83
N PHE B 47 -33.99 -4.11 15.36
CA PHE B 47 -33.00 -3.05 15.14
C PHE B 47 -32.30 -3.30 13.81
N LEU B 48 -32.31 -2.29 12.95
CA LEU B 48 -31.67 -2.42 11.65
C LEU B 48 -30.44 -1.53 11.57
N SER B 49 -29.37 -2.07 11.02
CA SER B 49 -28.15 -1.31 10.89
C SER B 49 -28.02 -0.67 9.52
N VAL B 50 -27.35 0.48 9.49
CA VAL B 50 -27.04 1.21 8.26
C VAL B 50 -25.51 1.30 8.35
N ASP B 51 -24.82 0.90 7.29
CA ASP B 51 -23.37 0.89 7.32
C ASP B 51 -22.77 1.53 6.08
N PRO B 52 -21.54 2.05 6.18
CA PRO B 52 -20.85 2.69 5.07
C PRO B 52 -20.65 1.79 3.85
N TYR B 53 -20.42 0.49 4.08
CA TYR B 53 -20.19 -0.45 2.97
C TYR B 53 -21.37 -0.49 2.00
N MET B 54 -22.56 -0.17 2.49
CA MET B 54 -23.78 -0.17 1.69
C MET B 54 -23.71 0.82 0.53
N ARG B 55 -22.87 1.87 0.69
CA ARG B 55 -22.71 2.88 -0.35
C ARG B 55 -21.98 2.28 -1.55
N ILE B 56 -21.13 1.30 -1.27
CA ILE B 56 -20.37 0.65 -2.33
C ILE B 56 -21.11 -0.57 -2.85
N ALA B 57 -21.52 -1.44 -1.93
CA ALA B 57 -22.23 -2.67 -2.29
C ALA B 57 -23.53 -2.44 -3.08
N SER B 58 -24.10 -1.25 -2.95
CA SER B 58 -25.33 -0.91 -3.67
C SER B 58 -25.15 -0.92 -5.18
N LYS B 59 -23.91 -0.68 -5.63
CA LYS B 59 -23.57 -0.65 -7.05
C LYS B 59 -23.85 -1.98 -7.75
N ARG B 60 -23.75 -3.07 -7.01
CA ARG B 60 -23.96 -4.42 -7.56
C ARG B 60 -25.45 -4.78 -7.67
N LEU B 61 -26.29 -4.02 -6.98
CA LEU B 61 -27.72 -4.27 -6.99
C LEU B 61 -28.41 -3.91 -8.31
N LYS B 62 -29.40 -4.71 -8.68
CA LYS B 62 -30.19 -4.46 -9.87
C LYS B 62 -31.29 -3.53 -9.34
N GLU B 63 -31.34 -2.31 -9.84
CA GLU B 63 -32.33 -1.33 -9.40
C GLU B 63 -33.68 -1.98 -9.11
N GLY B 64 -34.29 -1.60 -8.00
CA GLY B 64 -35.56 -2.18 -7.61
C GLY B 64 -35.39 -3.23 -6.53
N ALA B 65 -34.18 -3.75 -6.38
CA ALA B 65 -33.87 -4.75 -5.35
C ALA B 65 -33.85 -4.12 -3.95
N VAL B 66 -34.06 -4.94 -2.93
CA VAL B 66 -34.05 -4.45 -1.55
C VAL B 66 -32.62 -4.13 -1.11
N MET B 67 -32.45 -3.04 -0.36
CA MET B 67 -31.11 -2.68 0.12
C MET B 67 -30.61 -3.77 1.06
N MET B 68 -29.32 -4.03 1.02
CA MET B 68 -28.72 -5.07 1.86
C MET B 68 -28.36 -4.53 3.24
N GLY B 69 -28.22 -5.44 4.20
CA GLY B 69 -27.87 -5.04 5.55
C GLY B 69 -28.20 -6.09 6.59
N GLN B 70 -27.63 -5.93 7.78
CA GLN B 70 -27.88 -6.86 8.88
C GLN B 70 -28.85 -6.24 9.88
N GLN B 71 -29.59 -7.10 10.58
CA GLN B 71 -30.54 -6.65 11.57
C GLN B 71 -30.71 -7.67 12.67
N VAL B 72 -31.12 -7.19 13.83
CA VAL B 72 -31.41 -8.03 14.99
C VAL B 72 -32.90 -8.25 14.84
N ALA B 73 -33.32 -9.51 14.77
CA ALA B 73 -34.72 -9.82 14.58
C ALA B 73 -35.22 -10.87 15.56
N ARG B 74 -36.53 -10.92 15.71
CA ARG B 74 -37.17 -11.89 16.58
C ARG B 74 -38.01 -12.84 15.74
N VAL B 75 -38.06 -14.10 16.17
CA VAL B 75 -38.85 -15.09 15.46
C VAL B 75 -40.30 -14.97 15.94
N VAL B 76 -41.19 -14.62 15.01
CA VAL B 76 -42.62 -14.44 15.29
C VAL B 76 -43.30 -15.78 15.12
N GLU B 77 -43.10 -16.38 13.94
CA GLU B 77 -43.64 -17.68 13.58
C GLU B 77 -42.49 -18.59 13.21
N SER B 78 -42.63 -19.89 13.52
CA SER B 78 -41.57 -20.84 13.22
C SER B 78 -42.01 -22.24 12.83
N LYS B 79 -41.31 -22.80 11.84
CA LYS B 79 -41.53 -24.16 11.36
C LYS B 79 -40.16 -24.81 11.22
N ASN B 80 -39.22 -24.35 12.04
CA ASN B 80 -37.84 -24.84 12.06
C ASN B 80 -37.52 -25.01 13.55
N SER B 81 -37.14 -26.23 13.94
CA SER B 81 -36.84 -26.55 15.33
C SER B 81 -35.64 -25.82 15.92
N ALA B 82 -34.71 -25.42 15.06
CA ALA B 82 -33.51 -24.72 15.50
C ALA B 82 -33.82 -23.28 15.90
N PHE B 83 -34.98 -22.77 15.46
CA PHE B 83 -35.36 -21.40 15.76
C PHE B 83 -36.82 -21.24 16.18
N PRO B 84 -37.14 -21.59 17.44
CA PRO B 84 -38.52 -21.47 17.92
C PRO B 84 -38.95 -20.01 18.04
N ALA B 85 -40.26 -19.77 18.07
CA ALA B 85 -40.79 -18.43 18.22
C ALA B 85 -40.27 -17.83 19.53
N GLY B 86 -39.88 -16.56 19.47
CA GLY B 86 -39.36 -15.90 20.65
C GLY B 86 -37.86 -15.70 20.58
N SER B 87 -37.21 -16.43 19.68
CA SER B 87 -35.77 -16.33 19.48
C SER B 87 -35.35 -14.98 18.92
N ILE B 88 -34.15 -14.55 19.31
CA ILE B 88 -33.55 -13.31 18.85
C ILE B 88 -32.41 -13.75 17.95
N VAL B 89 -32.33 -13.18 16.76
CA VAL B 89 -31.29 -13.57 15.83
C VAL B 89 -30.75 -12.40 15.03
N LEU B 90 -29.58 -12.61 14.44
CA LEU B 90 -28.93 -11.63 13.57
C LEU B 90 -29.16 -12.20 12.18
N ALA B 91 -29.71 -11.37 11.30
CA ALA B 91 -29.99 -11.83 9.94
C ALA B 91 -29.59 -10.82 8.90
N GLN B 92 -29.04 -11.30 7.79
CA GLN B 92 -28.64 -10.45 6.67
C GLN B 92 -29.86 -10.35 5.77
N SER B 93 -31.00 -10.03 6.37
CA SER B 93 -32.26 -9.91 5.66
C SER B 93 -32.46 -8.61 4.89
N GLY B 94 -31.57 -7.65 5.10
CA GLY B 94 -31.68 -6.38 4.40
C GLY B 94 -32.63 -5.40 5.08
N TRP B 95 -32.98 -4.33 4.37
CA TRP B 95 -33.86 -3.31 4.91
C TRP B 95 -35.33 -3.74 4.82
N THR B 96 -35.77 -4.56 5.77
CA THR B 96 -37.15 -5.05 5.82
C THR B 96 -37.66 -5.18 7.25
N THR B 97 -38.96 -4.95 7.42
CA THR B 97 -39.60 -5.06 8.72
C THR B 97 -39.89 -6.52 9.04
N HIS B 98 -40.15 -7.31 8.00
CA HIS B 98 -40.43 -8.74 8.14
C HIS B 98 -39.72 -9.56 7.07
N PHE B 99 -39.26 -10.75 7.44
CA PHE B 99 -38.52 -11.59 6.52
C PHE B 99 -38.71 -13.09 6.80
N ILE B 100 -38.85 -13.87 5.74
CA ILE B 100 -39.02 -15.31 5.85
C ILE B 100 -37.69 -15.99 5.50
N SER B 101 -37.14 -16.73 6.47
CA SER B 101 -35.85 -17.40 6.30
C SER B 101 -35.94 -18.92 6.45
N ASP B 102 -35.01 -19.62 5.81
CA ASP B 102 -34.96 -21.08 5.90
C ASP B 102 -33.97 -21.49 7.01
N GLY B 103 -33.53 -20.50 7.78
CA GLY B 103 -32.62 -20.71 8.89
C GLY B 103 -31.13 -20.83 8.58
N LYS B 104 -30.79 -20.93 7.30
CA LYS B 104 -29.41 -21.12 6.87
C LYS B 104 -28.39 -20.02 7.20
N GLY B 105 -28.77 -18.76 7.10
CA GLY B 105 -27.83 -17.69 7.39
C GLY B 105 -27.94 -17.05 8.76
N LEU B 106 -29.02 -17.38 9.48
CA LEU B 106 -29.28 -16.82 10.80
C LEU B 106 -28.21 -17.14 11.84
N GLU B 107 -27.80 -16.10 12.58
CA GLU B 107 -26.79 -16.23 13.62
C GLU B 107 -27.40 -15.83 14.96
N LYS B 108 -27.32 -16.73 15.94
CA LYS B 108 -27.86 -16.44 17.26
C LYS B 108 -26.89 -15.57 18.06
N LEU B 109 -27.43 -14.70 18.91
CA LEU B 109 -26.61 -13.81 19.71
C LEU B 109 -25.82 -14.56 20.79
N LEU B 110 -24.73 -13.95 21.26
CA LEU B 110 -23.91 -14.55 22.31
C LEU B 110 -24.80 -15.08 23.42
N THR B 111 -24.62 -16.36 23.71
CA THR B 111 -25.37 -17.10 24.71
C THR B 111 -25.64 -16.43 26.05
N GLU B 112 -24.67 -15.68 26.56
CA GLU B 112 -24.83 -15.01 27.84
C GLU B 112 -25.03 -13.51 27.67
N TRP B 113 -25.98 -13.11 26.82
CA TRP B 113 -26.23 -11.70 26.59
C TRP B 113 -26.88 -11.03 27.81
N PRO B 114 -26.22 -10.01 28.38
CA PRO B 114 -26.67 -9.25 29.56
C PRO B 114 -27.86 -8.35 29.22
N ASP B 115 -28.85 -8.32 30.11
CA ASP B 115 -30.05 -7.50 29.92
C ASP B 115 -29.71 -6.02 29.91
N LYS B 116 -28.75 -5.63 30.74
CA LYS B 116 -28.33 -4.23 30.84
C LYS B 116 -27.79 -3.67 29.51
N LEU B 117 -27.37 -4.55 28.61
CA LEU B 117 -26.85 -4.13 27.31
C LEU B 117 -27.89 -4.24 26.22
N PRO B 118 -28.21 -3.13 25.54
CA PRO B 118 -29.21 -3.20 24.48
C PRO B 118 -28.81 -4.16 23.36
N LEU B 119 -29.80 -4.87 22.82
CA LEU B 119 -29.60 -5.85 21.75
C LEU B 119 -28.91 -5.27 20.51
N SER B 120 -29.13 -3.98 20.28
CA SER B 120 -28.55 -3.31 19.14
C SER B 120 -27.02 -3.29 19.16
N LEU B 121 -26.41 -3.54 20.31
CA LEU B 121 -24.94 -3.59 20.39
C LEU B 121 -24.41 -4.77 19.58
N ALA B 122 -25.29 -5.74 19.31
CA ALA B 122 -24.94 -6.92 18.53
C ALA B 122 -24.67 -6.54 17.08
N LEU B 123 -24.98 -5.30 16.72
CA LEU B 123 -24.77 -4.77 15.37
C LEU B 123 -23.62 -3.78 15.35
N GLY B 124 -23.00 -3.55 16.51
CA GLY B 124 -21.90 -2.60 16.60
C GLY B 124 -20.69 -3.01 17.41
N THR B 125 -20.53 -2.39 18.59
CA THR B 125 -19.40 -2.65 19.48
C THR B 125 -19.19 -4.13 19.80
N ILE B 126 -20.27 -4.86 20.03
CA ILE B 126 -20.17 -6.30 20.29
C ILE B 126 -20.73 -6.98 19.03
N GLY B 127 -20.29 -6.49 17.88
CA GLY B 127 -20.72 -7.00 16.61
C GLY B 127 -19.70 -6.76 15.50
N MET B 128 -20.17 -6.81 14.25
CA MET B 128 -19.30 -6.63 13.09
C MET B 128 -18.27 -5.50 13.22
N PRO B 129 -18.73 -4.26 13.44
CA PRO B 129 -17.81 -3.13 13.58
C PRO B 129 -16.80 -3.34 14.74
N GLY B 130 -17.29 -3.88 15.85
CA GLY B 130 -16.41 -4.15 16.99
C GLY B 130 -15.34 -5.17 16.65
N LEU B 131 -15.72 -6.17 15.86
CA LEU B 131 -14.80 -7.24 15.45
C LEU B 131 -13.76 -6.66 14.50
N THR B 132 -14.20 -5.77 13.61
CA THR B 132 -13.34 -5.10 12.64
C THR B 132 -12.25 -4.32 13.40
N ALA B 133 -12.67 -3.61 14.44
CA ALA B 133 -11.74 -2.84 15.25
C ALA B 133 -10.78 -3.80 15.95
N TYR B 134 -11.34 -4.82 16.60
CA TYR B 134 -10.54 -5.81 17.33
C TYR B 134 -9.44 -6.42 16.46
N PHE B 135 -9.82 -7.03 15.34
CA PHE B 135 -8.88 -7.67 14.44
C PHE B 135 -7.97 -6.74 13.64
N GLY B 136 -8.49 -5.57 13.25
CA GLY B 136 -7.69 -4.62 12.50
C GLY B 136 -6.55 -4.08 13.34
N LEU B 137 -6.83 -3.81 14.61
CA LEU B 137 -5.85 -3.26 15.53
C LEU B 137 -4.92 -4.35 16.09
N LEU B 138 -5.50 -5.44 16.57
CA LEU B 138 -4.71 -6.52 17.16
C LEU B 138 -3.98 -7.45 16.20
N GLU B 139 -4.56 -7.73 15.04
CA GLU B 139 -3.89 -8.61 14.07
C GLU B 139 -3.20 -7.87 12.93
N VAL B 140 -3.90 -6.95 12.27
CA VAL B 140 -3.31 -6.20 11.16
C VAL B 140 -2.26 -5.21 11.69
N CYS B 141 -2.66 -4.28 12.56
CA CYS B 141 -1.68 -3.34 13.12
C CYS B 141 -0.76 -4.14 14.07
N GLY B 142 -1.33 -5.17 14.68
CA GLY B 142 -0.59 -6.03 15.59
C GLY B 142 0.16 -5.38 16.73
N VAL B 143 -0.48 -4.42 17.40
CA VAL B 143 0.14 -3.71 18.51
C VAL B 143 0.38 -4.62 19.71
N LYS B 144 1.52 -4.42 20.38
CA LYS B 144 1.89 -5.20 21.56
C LYS B 144 1.88 -4.36 22.83
N GLY B 145 1.80 -3.04 22.65
CA GLY B 145 1.79 -2.12 23.77
C GLY B 145 2.93 -1.13 23.67
N GLY B 146 2.66 0.14 23.95
CA GLY B 146 3.69 1.17 23.88
C GLY B 146 3.72 1.94 22.57
N GLU B 147 3.03 1.42 21.55
CA GLU B 147 2.98 2.06 20.24
C GLU B 147 2.04 3.26 20.19
N THR B 148 2.28 4.14 19.22
CA THR B 148 1.43 5.31 19.00
C THR B 148 0.53 4.92 17.84
N VAL B 149 -0.78 4.92 18.11
CA VAL B 149 -1.79 4.55 17.13
C VAL B 149 -2.65 5.74 16.68
N LEU B 150 -2.92 5.82 15.38
CA LEU B 150 -3.75 6.88 14.83
C LEU B 150 -5.00 6.20 14.27
N VAL B 151 -6.15 6.81 14.50
CA VAL B 151 -7.43 6.28 14.02
C VAL B 151 -8.27 7.38 13.42
N SER B 152 -8.71 7.20 12.16
CA SER B 152 -9.57 8.19 11.53
C SER B 152 -11.01 7.74 11.82
N ALA B 153 -11.98 8.65 11.70
CA ALA B 153 -13.39 8.38 12.01
C ALA B 153 -13.43 7.83 13.44
N ALA B 154 -12.63 8.44 14.30
CA ALA B 154 -12.45 8.05 15.70
C ALA B 154 -13.70 7.95 16.57
N ALA B 155 -14.69 8.81 16.31
CA ALA B 155 -15.93 8.76 17.07
C ALA B 155 -16.99 7.86 16.43
N GLY B 156 -16.60 7.14 15.36
CA GLY B 156 -17.52 6.22 14.69
C GLY B 156 -17.59 4.86 15.37
N ALA B 157 -18.42 3.97 14.84
CA ALA B 157 -18.58 2.63 15.41
C ALA B 157 -17.25 1.88 15.52
N VAL B 158 -16.54 1.76 14.40
CA VAL B 158 -15.25 1.08 14.38
C VAL B 158 -14.17 1.87 15.13
N GLY B 159 -14.01 3.14 14.76
CA GLY B 159 -13.02 4.01 15.37
C GLY B 159 -13.04 4.11 16.88
N SER B 160 -14.24 4.20 17.45
CA SER B 160 -14.37 4.30 18.90
C SER B 160 -13.83 3.09 19.62
N VAL B 161 -14.02 1.92 19.00
CA VAL B 161 -13.55 0.67 19.57
C VAL B 161 -12.05 0.54 19.37
N VAL B 162 -11.54 0.99 18.22
CA VAL B 162 -10.10 0.92 17.98
C VAL B 162 -9.36 1.69 19.08
N GLY B 163 -9.78 2.94 19.29
CA GLY B 163 -9.16 3.77 20.30
C GLY B 163 -9.18 3.22 21.70
N GLN B 164 -10.29 2.60 22.10
CA GLN B 164 -10.41 2.04 23.45
C GLN B 164 -9.71 0.70 23.67
N ILE B 165 -9.54 -0.07 22.60
CA ILE B 165 -8.84 -1.35 22.72
C ILE B 165 -7.34 -1.02 22.75
N ALA B 166 -6.96 -0.02 21.96
CA ALA B 166 -5.57 0.42 21.92
C ALA B 166 -5.15 0.88 23.31
N LYS B 167 -5.97 1.72 23.93
CA LYS B 167 -5.71 2.27 25.26
C LYS B 167 -5.52 1.19 26.32
N LEU B 168 -6.43 0.21 26.34
CA LEU B 168 -6.35 -0.88 27.31
C LEU B 168 -5.13 -1.77 27.08
N LYS B 169 -4.60 -1.76 25.86
CA LYS B 169 -3.42 -2.55 25.51
C LYS B 169 -2.13 -1.79 25.80
N GLY B 170 -2.27 -0.59 26.34
CA GLY B 170 -1.10 0.22 26.68
C GLY B 170 -0.50 1.07 25.57
N CYS B 171 -1.32 1.52 24.62
CA CYS B 171 -0.83 2.34 23.51
C CYS B 171 -1.22 3.80 23.69
N LYS B 172 -0.59 4.66 22.89
CA LYS B 172 -0.91 6.08 22.89
C LYS B 172 -1.86 6.21 21.70
N VAL B 173 -3.02 6.81 21.95
CA VAL B 173 -4.04 6.95 20.91
C VAL B 173 -4.32 8.38 20.47
N VAL B 174 -4.31 8.58 19.16
CA VAL B 174 -4.60 9.87 18.55
C VAL B 174 -5.79 9.63 17.64
N GLY B 175 -6.84 10.42 17.81
CA GLY B 175 -8.02 10.26 16.99
C GLY B 175 -8.42 11.51 16.22
N ALA B 176 -9.03 11.30 15.06
CA ALA B 176 -9.51 12.40 14.23
C ALA B 176 -10.99 12.17 13.93
N ALA B 177 -11.77 13.25 13.98
CA ALA B 177 -13.21 13.22 13.71
C ALA B 177 -13.63 14.59 13.16
N GLY B 178 -14.88 14.71 12.72
CA GLY B 178 -15.33 15.96 12.12
C GLY B 178 -16.28 16.91 12.82
N SER B 179 -16.27 16.92 14.15
CA SER B 179 -17.11 17.85 14.92
C SER B 179 -16.48 18.03 16.29
N ASP B 180 -16.61 19.22 16.84
CA ASP B 180 -16.05 19.53 18.15
C ASP B 180 -16.72 18.70 19.23
N GLU B 181 -17.99 18.34 18.99
CA GLU B 181 -18.74 17.52 19.93
C GLU B 181 -18.07 16.15 20.04
N LYS B 182 -17.61 15.63 18.90
CA LYS B 182 -16.93 14.34 18.83
C LYS B 182 -15.54 14.40 19.45
N ILE B 183 -14.84 15.50 19.24
CA ILE B 183 -13.51 15.67 19.82
C ILE B 183 -13.58 15.69 21.36
N ALA B 184 -14.61 16.32 21.91
CA ALA B 184 -14.80 16.38 23.36
C ALA B 184 -15.14 14.99 23.89
N TYR B 185 -15.90 14.24 23.10
CA TYR B 185 -16.31 12.89 23.47
C TYR B 185 -15.09 11.96 23.51
N LEU B 186 -14.23 12.09 22.51
CA LEU B 186 -13.03 11.25 22.41
C LEU B 186 -12.08 11.46 23.60
N LYS B 187 -11.95 12.70 24.04
CA LYS B 187 -11.07 13.01 25.18
C LYS B 187 -11.64 12.37 26.44
N GLN B 188 -12.94 12.46 26.61
CA GLN B 188 -13.62 11.90 27.77
C GLN B 188 -13.59 10.38 27.87
N ILE B 189 -13.46 9.69 26.73
CA ILE B 189 -13.43 8.24 26.76
C ILE B 189 -12.01 7.66 26.78
N GLY B 190 -11.01 8.53 26.80
CA GLY B 190 -9.64 8.02 26.88
C GLY B 190 -8.59 8.40 25.86
N PHE B 191 -8.98 8.82 24.66
CA PHE B 191 -7.99 9.21 23.63
C PHE B 191 -7.01 10.21 24.21
N ASP B 192 -5.72 10.02 23.92
CA ASP B 192 -4.67 10.92 24.42
C ASP B 192 -4.67 12.26 23.70
N ALA B 193 -5.10 12.24 22.44
CA ALA B 193 -5.16 13.43 21.62
C ALA B 193 -6.26 13.22 20.60
N ALA B 194 -6.90 14.31 20.17
CA ALA B 194 -7.98 14.24 19.20
C ALA B 194 -8.20 15.59 18.54
N PHE B 195 -8.25 15.61 17.22
CA PHE B 195 -8.44 16.86 16.49
C PHE B 195 -9.54 16.80 15.44
N ASN B 196 -10.18 17.94 15.21
CA ASN B 196 -11.25 18.08 14.24
C ASN B 196 -10.58 18.31 12.88
N TYR B 197 -10.58 17.28 12.04
CA TYR B 197 -9.95 17.37 10.72
C TYR B 197 -10.59 18.39 9.78
N LYS B 198 -11.79 18.85 10.11
CA LYS B 198 -12.48 19.84 9.28
C LYS B 198 -12.12 21.28 9.61
N THR B 199 -11.79 21.54 10.87
CA THR B 199 -11.48 22.91 11.29
C THR B 199 -9.99 23.24 11.48
N VAL B 200 -9.19 22.23 11.79
CA VAL B 200 -7.76 22.43 12.00
C VAL B 200 -7.11 23.16 10.82
N ASN B 201 -6.26 24.14 11.12
CA ASN B 201 -5.57 24.93 10.11
C ASN B 201 -4.81 24.05 9.11
N SER B 202 -3.99 23.16 9.65
CA SER B 202 -3.17 22.24 8.85
C SER B 202 -3.29 20.81 9.38
N LEU B 203 -3.56 19.87 8.48
CA LEU B 203 -3.68 18.46 8.85
C LEU B 203 -2.33 17.95 9.33
N GLU B 204 -1.26 18.27 8.59
CA GLU B 204 0.09 17.85 8.94
C GLU B 204 0.48 18.34 10.35
N GLU B 205 0.22 19.62 10.61
CA GLU B 205 0.55 20.20 11.92
C GLU B 205 -0.19 19.53 13.07
N ALA B 206 -1.48 19.28 12.87
CA ALA B 206 -2.32 18.64 13.88
C ALA B 206 -1.75 17.26 14.21
N LEU B 207 -1.41 16.51 13.16
CA LEU B 207 -0.84 15.17 13.32
C LEU B 207 0.53 15.24 14.04
N LYS B 208 1.32 16.25 13.68
CA LYS B 208 2.64 16.44 14.27
C LYS B 208 2.56 16.81 15.76
N LYS B 209 1.62 17.69 16.11
CA LYS B 209 1.43 18.11 17.50
C LYS B 209 0.93 16.97 18.38
N ALA B 210 0.00 16.17 17.85
CA ALA B 210 -0.57 15.03 18.57
C ALA B 210 0.50 13.99 18.91
N SER B 211 1.45 13.79 17.99
CA SER B 211 2.53 12.85 18.18
C SER B 211 3.76 13.34 17.40
N PRO B 212 4.64 14.09 18.07
CA PRO B 212 5.87 14.65 17.48
C PRO B 212 6.80 13.59 16.90
N ASP B 213 6.84 12.42 17.53
CA ASP B 213 7.69 11.32 17.12
C ASP B 213 7.14 10.45 15.97
N GLY B 214 5.90 10.73 15.56
CA GLY B 214 5.32 9.96 14.47
C GLY B 214 4.36 8.87 14.90
N TYR B 215 3.91 8.08 13.93
CA TYR B 215 2.95 7.01 14.19
C TYR B 215 3.40 5.60 13.84
N ASP B 216 3.19 4.67 14.77
CA ASP B 216 3.52 3.27 14.59
C ASP B 216 2.51 2.60 13.68
N CYS B 217 1.24 2.87 13.91
CA CYS B 217 0.18 2.28 13.13
C CYS B 217 -0.96 3.25 12.89
N TYR B 218 -1.45 3.24 11.66
CA TYR B 218 -2.57 4.09 11.29
C TYR B 218 -3.73 3.18 10.90
N PHE B 219 -4.81 3.26 11.68
CA PHE B 219 -6.01 2.49 11.39
C PHE B 219 -6.80 3.41 10.46
N ASP B 220 -6.78 3.05 9.18
CA ASP B 220 -7.43 3.84 8.14
C ASP B 220 -8.87 3.47 7.83
N ASN B 221 -9.78 4.38 8.18
CA ASN B 221 -11.22 4.22 7.93
C ASN B 221 -11.67 5.23 6.89
N VAL B 222 -10.80 6.19 6.57
CA VAL B 222 -11.13 7.28 5.65
C VAL B 222 -10.48 7.27 4.27
N GLY B 223 -9.19 6.97 4.20
CA GLY B 223 -8.50 6.95 2.92
C GLY B 223 -8.39 8.33 2.30
N GLY B 224 -8.40 8.37 0.97
CA GLY B 224 -8.31 9.63 0.24
C GLY B 224 -7.13 10.55 0.60
N GLU B 225 -7.41 11.85 0.57
CA GLU B 225 -6.41 12.87 0.87
C GLU B 225 -5.87 12.78 2.30
N PHE B 226 -6.74 12.39 3.23
CA PHE B 226 -6.36 12.26 4.64
C PHE B 226 -5.22 11.24 4.78
N LEU B 227 -5.40 10.08 4.14
CA LEU B 227 -4.41 9.01 4.16
C LEU B 227 -3.08 9.51 3.62
N ASN B 228 -3.13 10.17 2.46
CA ASN B 228 -1.92 10.69 1.82
C ASN B 228 -1.07 11.52 2.76
N THR B 229 -1.73 12.32 3.59
CA THR B 229 -1.04 13.18 4.54
C THR B 229 -0.43 12.42 5.71
N VAL B 230 -1.11 11.38 6.17
CA VAL B 230 -0.64 10.57 7.29
C VAL B 230 0.73 9.95 7.02
N LEU B 231 0.90 9.44 5.80
CA LEU B 231 2.12 8.78 5.35
C LEU B 231 3.40 9.48 5.78
N SER B 232 3.51 10.77 5.49
CA SER B 232 4.68 11.55 5.85
C SER B 232 4.95 11.56 7.36
N GLN B 233 3.94 11.24 8.16
CA GLN B 233 4.04 11.24 9.62
C GLN B 233 4.28 9.85 10.20
N MET B 234 4.30 8.83 9.35
CA MET B 234 4.51 7.47 9.82
C MET B 234 5.99 7.23 10.16
N LYS B 235 6.23 6.45 11.21
CA LYS B 235 7.62 6.11 11.57
C LYS B 235 8.07 5.10 10.53
N ASP B 236 9.38 4.87 10.45
CA ASP B 236 9.95 3.89 9.52
C ASP B 236 9.37 2.52 9.82
N PHE B 237 9.04 1.77 8.77
CA PHE B 237 8.47 0.42 8.90
C PHE B 237 7.05 0.41 9.47
N GLY B 238 6.46 1.60 9.59
CA GLY B 238 5.11 1.73 10.12
C GLY B 238 4.04 0.97 9.38
N LYS B 239 3.05 0.48 10.12
CA LYS B 239 1.95 -0.29 9.56
C LYS B 239 0.69 0.53 9.32
N ILE B 240 0.05 0.29 8.18
CA ILE B 240 -1.19 0.98 7.84
C ILE B 240 -2.27 -0.06 7.57
N ALA B 241 -3.26 -0.11 8.46
CA ALA B 241 -4.36 -1.05 8.29
C ALA B 241 -5.47 -0.38 7.50
N ILE B 242 -5.60 -0.75 6.23
CA ILE B 242 -6.64 -0.22 5.35
C ILE B 242 -7.95 -0.92 5.65
N CYS B 243 -8.73 -0.33 6.55
CA CYS B 243 -10.01 -0.86 6.97
C CYS B 243 -11.13 -0.35 6.08
N GLY B 244 -11.05 0.92 5.73
CA GLY B 244 -12.05 1.55 4.89
C GLY B 244 -11.54 2.82 4.24
N ALA B 245 -12.37 3.42 3.40
CA ALA B 245 -12.00 4.63 2.69
C ALA B 245 -13.26 5.44 2.39
N ILE B 246 -14.05 5.67 3.43
CA ILE B 246 -15.33 6.39 3.36
C ILE B 246 -15.19 7.72 2.60
N SER B 247 -14.00 8.30 2.66
CA SER B 247 -13.69 9.56 1.99
C SER B 247 -13.94 9.53 0.47
N VAL B 248 -13.85 8.35 -0.13
CA VAL B 248 -14.01 8.21 -1.57
C VAL B 248 -15.22 7.41 -2.05
N TYR B 249 -16.06 6.97 -1.12
CA TYR B 249 -17.24 6.18 -1.46
C TYR B 249 -18.21 6.86 -2.41
N ASN B 250 -18.22 8.19 -2.42
CA ASN B 250 -19.10 8.95 -3.29
C ASN B 250 -18.41 9.33 -4.61
N ARG B 251 -17.13 9.00 -4.71
CA ARG B 251 -16.34 9.32 -5.91
C ARG B 251 -15.42 8.16 -6.30
N MET B 252 -15.94 6.93 -6.24
CA MET B 252 -15.13 5.75 -6.56
C MET B 252 -14.59 5.73 -7.99
N ASP B 253 -15.31 6.35 -8.92
CA ASP B 253 -14.88 6.38 -10.31
C ASP B 253 -13.95 7.55 -10.63
N GLN B 254 -13.93 8.55 -9.75
CA GLN B 254 -13.09 9.73 -9.91
C GLN B 254 -12.23 9.88 -8.66
N LEU B 255 -11.28 8.98 -8.49
CA LEU B 255 -10.39 8.98 -7.33
C LEU B 255 -9.39 10.12 -7.28
N PRO B 256 -9.18 10.68 -6.09
CA PRO B 256 -8.25 11.78 -5.84
C PRO B 256 -6.81 11.31 -5.99
N PRO B 257 -5.84 12.24 -6.09
CA PRO B 257 -4.41 11.90 -6.23
C PRO B 257 -3.97 10.80 -5.26
N GLY B 258 -3.19 9.85 -5.77
CA GLY B 258 -2.72 8.75 -4.93
C GLY B 258 -1.62 9.09 -3.96
N PRO B 259 -1.24 8.13 -3.10
CA PRO B 259 -0.18 8.33 -2.11
C PRO B 259 1.18 8.48 -2.80
N SER B 260 2.09 9.22 -2.15
CA SER B 260 3.41 9.44 -2.71
C SER B 260 4.27 8.21 -2.56
N PRO B 261 4.95 7.79 -3.64
CA PRO B 261 5.83 6.62 -3.65
C PRO B 261 7.02 6.92 -2.73
N GLU B 262 7.36 8.20 -2.63
CA GLU B 262 8.46 8.66 -1.80
C GLU B 262 8.28 8.26 -0.33
N SER B 263 7.12 8.56 0.24
CA SER B 263 6.84 8.21 1.62
C SER B 263 6.82 6.69 1.84
N ILE B 264 6.11 5.97 0.98
CA ILE B 264 5.99 4.52 1.07
C ILE B 264 7.32 3.80 0.94
N ILE B 265 8.15 4.25 0.00
CA ILE B 265 9.46 3.64 -0.25
C ILE B 265 10.53 3.98 0.78
N TYR B 266 10.82 5.27 0.96
CA TYR B 266 11.86 5.66 1.91
C TYR B 266 11.59 5.32 3.37
N LYS B 267 10.32 5.34 3.76
CA LYS B 267 9.93 4.98 5.13
C LYS B 267 9.65 3.48 5.21
N GLN B 268 9.66 2.82 4.06
CA GLN B 268 9.42 1.37 3.94
C GLN B 268 8.14 0.95 4.67
N LEU B 269 7.05 1.64 4.35
CA LEU B 269 5.75 1.37 4.96
C LEU B 269 5.04 0.12 4.45
N ARG B 270 4.27 -0.49 5.34
CA ARG B 270 3.49 -1.67 5.02
C ARG B 270 2.00 -1.30 5.10
N ILE B 271 1.34 -1.38 3.95
CA ILE B 271 -0.08 -1.06 3.85
C ILE B 271 -0.82 -2.38 3.64
N GLU B 272 -1.80 -2.66 4.50
CA GLU B 272 -2.56 -3.89 4.39
C GLU B 272 -4.07 -3.76 4.58
N GLY B 273 -4.82 -4.19 3.57
CA GLY B 273 -6.27 -4.14 3.63
C GLY B 273 -6.78 -5.41 4.30
N PHE B 274 -7.98 -5.35 4.87
CA PHE B 274 -8.56 -6.50 5.52
C PHE B 274 -10.06 -6.40 5.59
N ILE B 275 -10.70 -7.54 5.82
CA ILE B 275 -12.15 -7.61 5.97
C ILE B 275 -12.42 -8.45 7.21
N VAL B 276 -13.36 -8.01 8.03
CA VAL B 276 -13.74 -8.69 9.28
C VAL B 276 -13.89 -10.18 9.11
N TYR B 277 -14.57 -10.54 8.02
CA TYR B 277 -14.89 -11.91 7.67
C TYR B 277 -13.75 -12.92 7.58
N ARG B 278 -12.50 -12.46 7.58
CA ARG B 278 -11.36 -13.36 7.52
C ARG B 278 -11.29 -14.20 8.80
N TRP B 279 -11.67 -13.60 9.91
CA TRP B 279 -11.64 -14.27 11.20
C TRP B 279 -12.98 -14.96 11.50
N GLN B 280 -12.93 -16.27 11.65
CA GLN B 280 -14.11 -17.09 11.89
C GLN B 280 -13.90 -18.11 13.00
N GLY B 281 -14.94 -18.90 13.29
CA GLY B 281 -14.85 -19.94 14.30
C GLY B 281 -14.57 -19.51 15.72
N ASP B 282 -13.78 -20.32 16.42
CA ASP B 282 -13.41 -20.08 17.81
C ASP B 282 -12.69 -18.76 18.05
N VAL B 283 -11.89 -18.31 17.09
CA VAL B 283 -11.17 -17.04 17.27
C VAL B 283 -12.15 -15.87 17.21
N ARG B 284 -13.22 -16.04 16.43
CA ARG B 284 -14.24 -15.02 16.29
C ARG B 284 -15.11 -14.98 17.53
N GLU B 285 -15.51 -16.15 18.02
CA GLU B 285 -16.36 -16.22 19.21
C GLU B 285 -15.64 -15.69 20.45
N LYS B 286 -14.33 -15.91 20.51
CA LYS B 286 -13.52 -15.45 21.63
C LYS B 286 -13.43 -13.91 21.63
N ALA B 287 -13.26 -13.35 20.42
CA ALA B 287 -13.18 -11.90 20.22
C ALA B 287 -14.46 -11.23 20.70
N LEU B 288 -15.60 -11.82 20.38
CA LEU B 288 -16.89 -11.29 20.81
C LEU B 288 -17.00 -11.30 22.35
N ARG B 289 -16.53 -12.38 22.98
CA ARG B 289 -16.56 -12.49 24.45
C ARG B 289 -15.68 -11.41 25.06
N ASP B 290 -14.51 -11.19 24.45
CA ASP B 290 -13.57 -10.18 24.91
C ASP B 290 -14.22 -8.80 24.81
N LEU B 291 -14.92 -8.55 23.69
CA LEU B 291 -15.60 -7.28 23.49
C LEU B 291 -16.67 -7.09 24.56
N MET B 292 -17.45 -8.16 24.78
CA MET B 292 -18.50 -8.20 25.79
C MET B 292 -17.94 -7.88 27.19
N LYS B 293 -16.89 -8.61 27.57
CA LYS B 293 -16.24 -8.44 28.86
C LYS B 293 -15.72 -7.03 29.06
N TRP B 294 -15.10 -6.46 28.02
CA TRP B 294 -14.55 -5.09 28.09
C TRP B 294 -15.62 -4.02 28.24
N VAL B 295 -16.79 -4.24 27.63
CA VAL B 295 -17.90 -3.29 27.74
C VAL B 295 -18.46 -3.39 29.16
N LEU B 296 -18.58 -4.62 29.67
CA LEU B 296 -19.09 -4.84 31.01
C LEU B 296 -18.13 -4.33 32.08
N GLU B 297 -16.84 -4.32 31.77
CA GLU B 297 -15.81 -3.84 32.70
C GLU B 297 -15.61 -2.33 32.58
N GLY B 298 -16.26 -1.72 31.60
CA GLY B 298 -16.13 -0.28 31.41
C GLY B 298 -14.93 0.16 30.60
N LYS B 299 -14.11 -0.78 30.14
CA LYS B 299 -12.94 -0.44 29.35
C LYS B 299 -13.36 0.06 27.97
N ILE B 300 -14.50 -0.44 27.49
CA ILE B 300 -15.02 0.01 26.20
C ILE B 300 -16.38 0.63 26.39
N GLN B 301 -16.41 1.97 26.36
CA GLN B 301 -17.66 2.71 26.48
C GLN B 301 -18.25 2.76 25.07
N TYR B 302 -19.56 2.95 24.98
CA TYR B 302 -20.23 3.01 23.68
C TYR B 302 -21.34 4.05 23.65
N HIS B 303 -21.74 4.42 22.43
CA HIS B 303 -22.82 5.36 22.22
C HIS B 303 -23.47 4.99 20.90
N GLU B 304 -24.80 4.91 20.90
CA GLU B 304 -25.56 4.58 19.71
C GLU B 304 -26.31 5.81 19.20
N HIS B 305 -26.23 6.04 17.90
CA HIS B 305 -26.94 7.15 17.28
C HIS B 305 -28.20 6.51 16.75
N VAL B 306 -29.24 6.52 17.58
CA VAL B 306 -30.52 5.91 17.26
C VAL B 306 -31.45 6.75 16.42
N THR B 307 -32.02 6.11 15.41
CA THR B 307 -33.00 6.72 14.53
C THR B 307 -34.26 5.88 14.71
N LYS B 308 -35.35 6.53 15.11
CA LYS B 308 -36.61 5.83 15.35
C LYS B 308 -37.52 5.70 14.12
N GLY B 309 -37.96 4.47 13.86
CA GLY B 309 -38.85 4.22 12.75
C GLY B 309 -38.22 3.71 11.48
N PHE B 310 -38.81 2.67 10.91
CA PHE B 310 -38.34 2.04 9.67
C PHE B 310 -38.36 2.99 8.49
N GLU B 311 -39.41 3.80 8.37
CA GLU B 311 -39.50 4.72 7.25
C GLU B 311 -38.40 5.80 7.23
N ASN B 312 -37.64 5.89 8.32
CA ASN B 312 -36.54 6.85 8.41
C ASN B 312 -35.19 6.19 8.21
N MET B 313 -35.17 4.96 7.70
CA MET B 313 -33.92 4.26 7.47
C MET B 313 -33.03 4.93 6.42
N PRO B 314 -33.60 5.34 5.27
CA PRO B 314 -32.78 5.99 4.26
C PRO B 314 -32.08 7.21 4.86
N ALA B 315 -32.86 8.03 5.55
CA ALA B 315 -32.35 9.24 6.22
C ALA B 315 -31.19 8.93 7.17
N ALA B 316 -31.32 7.82 7.92
CA ALA B 316 -30.29 7.39 8.87
C ALA B 316 -29.00 6.98 8.15
N PHE B 317 -29.16 6.37 6.98
CA PHE B 317 -28.05 5.93 6.14
C PHE B 317 -27.30 7.14 5.58
N ILE B 318 -28.05 8.02 4.91
CA ILE B 318 -27.51 9.25 4.34
C ILE B 318 -26.79 10.08 5.42
N GLU B 319 -27.46 10.26 6.56
CA GLU B 319 -26.94 11.01 7.72
C GLU B 319 -25.57 10.51 8.15
N MET B 320 -25.50 9.21 8.39
CA MET B 320 -24.29 8.55 8.82
C MET B 320 -23.13 8.77 7.85
N LEU B 321 -23.42 8.73 6.56
CA LEU B 321 -22.38 8.94 5.55
C LEU B 321 -21.89 10.38 5.64
N ASN B 322 -22.76 11.28 6.07
CA ASN B 322 -22.40 12.68 6.20
C ASN B 322 -21.78 12.99 7.56
N GLY B 323 -21.70 11.97 8.43
CA GLY B 323 -21.09 12.14 9.75
C GLY B 323 -21.95 12.64 10.90
N ALA B 324 -23.27 12.56 10.76
CA ALA B 324 -24.18 13.03 11.80
C ALA B 324 -24.17 12.12 13.04
N ASN B 325 -23.67 10.91 12.88
CA ASN B 325 -23.64 9.94 13.96
C ASN B 325 -22.41 9.96 14.87
N LEU B 326 -22.66 9.80 16.16
CA LEU B 326 -21.62 9.72 17.17
C LEU B 326 -21.90 8.30 17.64
N GLY B 327 -20.96 7.41 17.40
CA GLY B 327 -21.17 6.02 17.75
C GLY B 327 -21.91 5.32 16.61
N LYS B 328 -22.32 4.08 16.84
CA LYS B 328 -23.01 3.28 15.82
C LYS B 328 -24.38 3.78 15.40
N ALA B 329 -24.59 3.86 14.09
CA ALA B 329 -25.88 4.29 13.56
C ALA B 329 -26.78 3.06 13.51
N VAL B 330 -27.91 3.13 14.21
CA VAL B 330 -28.86 2.02 14.29
C VAL B 330 -30.30 2.54 14.22
N VAL B 331 -31.14 1.80 13.50
CA VAL B 331 -32.55 2.15 13.34
C VAL B 331 -33.43 1.18 14.13
N THR B 332 -34.34 1.72 14.94
CA THR B 332 -35.29 0.89 15.70
C THR B 332 -36.51 0.79 14.81
N ALA B 333 -36.98 -0.43 14.55
CA ALA B 333 -38.14 -0.67 13.68
C ALA B 333 -39.41 0.12 14.06
#